data_6Y6C
#
_entry.id   6Y6C
#
_cell.length_a   111.661
_cell.length_b   111.661
_cell.length_c   232.196
_cell.angle_alpha   90.000
_cell.angle_beta   90.000
_cell.angle_gamma   90.000
#
_symmetry.space_group_name_H-M   'P 41 2 2'
#
loop_
_entity.id
_entity.type
_entity.pdbx_description
1 polymer 'Triggering receptor expressed on myeloid cells 2'
2 polymer 'Single chain variable'
3 non-polymer 2-acetamido-2-deoxy-beta-D-glucopyranose
4 water water
#
loop_
_entity_poly.entity_id
_entity_poly.type
_entity_poly.pdbx_seq_one_letter_code
_entity_poly.pdbx_strand_id
1 'polypeptide(L)'
;ETGHHHHHHSSGVDLGTENLYFQSMHNTTVFQGVAGQSLQVSCPYDSMKHWGRRKAWCRQLGEKGPCQRVVSTHNLWLLS
FLRRWNGSTAITDDTLGGTLTITLRNLQPHDAGLYQCQSLHGSEADTLRKVLVEVLADPLDHRDAGDLWFPGESESFEDA
HVEHSISRSLLEGEIPFPPTSSSKGGYGLNDIFEAQKIEWHE
;
A,B
2 'polypeptide(L)'
;SMEVQLLESGGGLVQPGGSLRLSCAASGFTFSYYYMGWVRQAPGKGLEWVSGISPSSGYTYYADSVKGRFTISRDNSKNT
LYLQMNSLRAEDTAVYYCARYYYGYYYSHMDYWGQGTLVTVSSGGGGSGGGGSGGGGSDIQMTQSPSSLSASVGDRVTIT
CRASQSISSYLNWYQQKPGKAPKLLIYAASSLQSGVPSRFSGSGSGTDFTLTISSLQPEDFATYYCQQSRSGLHTFGQGT
KLEIK
;
C,D
#
# COMPACT_ATOMS: atom_id res chain seq x y z
N ASN A 27 -3.25 -14.68 23.39
CA ASN A 27 -3.65 -16.00 23.89
C ASN A 27 -5.01 -16.38 23.34
N THR A 28 -5.02 -17.27 22.36
CA THR A 28 -6.22 -17.58 21.60
C THR A 28 -7.04 -18.67 22.29
N THR A 29 -8.35 -18.44 22.38
CA THR A 29 -9.29 -19.43 22.90
C THR A 29 -9.99 -20.11 21.73
N VAL A 30 -10.07 -21.43 21.77
CA VAL A 30 -10.57 -22.23 20.66
C VAL A 30 -11.97 -22.72 20.99
N PHE A 31 -12.94 -22.30 20.18
CA PHE A 31 -14.31 -22.80 20.24
C PHE A 31 -14.55 -23.67 19.01
N GLN A 32 -14.87 -24.94 19.25
CA GLN A 32 -15.09 -25.91 18.18
C GLN A 32 -16.57 -26.21 18.04
N GLY A 33 -17.05 -26.22 16.80
CA GLY A 33 -18.44 -26.49 16.54
C GLY A 33 -18.60 -27.39 15.34
N VAL A 34 -19.79 -27.98 15.23
CA VAL A 34 -20.13 -28.90 14.15
C VAL A 34 -20.88 -28.13 13.07
N ALA A 35 -20.50 -28.37 11.81
CA ALA A 35 -21.19 -27.72 10.70
C ALA A 35 -22.68 -28.08 10.71
N GLY A 36 -23.51 -27.09 10.40
CA GLY A 36 -24.95 -27.26 10.42
C GLY A 36 -25.61 -26.90 11.73
N GLN A 37 -24.88 -26.93 12.83
CA GLN A 37 -25.39 -26.53 14.13
C GLN A 37 -25.03 -25.08 14.42
N SER A 38 -25.61 -24.54 15.49
CA SER A 38 -25.24 -23.24 15.97
C SER A 38 -24.03 -23.35 16.89
N LEU A 39 -23.19 -22.32 16.87
CA LEU A 39 -22.03 -22.22 17.75
C LEU A 39 -22.20 -21.03 18.66
N GLN A 40 -22.04 -21.25 19.96
CA GLN A 40 -22.12 -20.19 20.96
C GLN A 40 -20.72 -19.88 21.48
N VAL A 41 -20.31 -18.63 21.34
CA VAL A 41 -19.02 -18.16 21.85
C VAL A 41 -19.29 -17.23 23.02
N SER A 42 -18.66 -17.52 24.15
CA SER A 42 -18.82 -16.72 25.37
C SER A 42 -17.53 -15.98 25.68
N CYS A 43 -17.66 -14.71 26.03
CA CYS A 43 -16.52 -13.85 26.36
C CYS A 43 -16.75 -13.22 27.72
N PRO A 44 -16.22 -13.82 28.78
CA PRO A 44 -16.35 -13.20 30.11
C PRO A 44 -15.45 -11.99 30.23
N TYR A 45 -15.90 -11.02 31.03
CA TYR A 45 -15.12 -9.81 31.24
C TYR A 45 -15.44 -9.24 32.62
N ASP A 46 -14.55 -8.36 33.08
CA ASP A 46 -14.76 -7.63 34.32
C ASP A 46 -15.87 -6.61 34.09
N SER A 47 -17.07 -6.91 34.60
CA SER A 47 -18.21 -6.03 34.38
C SER A 47 -18.03 -4.66 35.04
N MET A 48 -17.11 -4.55 35.99
CA MET A 48 -16.81 -3.25 36.59
C MET A 48 -15.84 -2.45 35.73
N LYS A 49 -14.80 -3.10 35.22
CA LYS A 49 -13.81 -2.40 34.40
C LYS A 49 -14.40 -1.93 33.07
N HIS A 50 -15.34 -2.70 32.51
CA HIS A 50 -15.97 -2.34 31.24
C HIS A 50 -17.40 -1.84 31.42
N TRP A 51 -17.71 -1.31 32.60
CA TRP A 51 -19.04 -0.78 32.86
C TRP A 51 -19.37 0.35 31.88
N GLY A 52 -20.60 0.33 31.37
CA GLY A 52 -21.06 1.37 30.47
C GLY A 52 -20.54 1.29 29.05
N ARG A 53 -19.82 0.23 28.70
CA ARG A 53 -19.19 0.10 27.40
C ARG A 53 -19.95 -0.90 26.54
N ARG A 54 -20.31 -0.49 25.33
CA ARG A 54 -20.87 -1.41 24.35
C ARG A 54 -19.81 -2.39 23.87
N LYS A 55 -20.26 -3.50 23.30
CA LYS A 55 -19.37 -4.57 22.88
C LYS A 55 -19.50 -4.81 21.38
N ALA A 56 -18.49 -5.48 20.81
CA ALA A 56 -18.48 -5.76 19.39
C ALA A 56 -17.81 -7.11 19.13
N TRP A 57 -18.01 -7.61 17.92
CA TRP A 57 -17.48 -8.89 17.48
C TRP A 57 -16.97 -8.70 16.06
N CYS A 58 -15.67 -8.90 15.85
CA CYS A 58 -15.06 -8.69 14.55
C CYS A 58 -14.19 -9.87 14.16
N ARG A 59 -14.04 -10.07 12.85
CA ARG A 59 -13.29 -11.17 12.29
C ARG A 59 -11.92 -10.67 11.84
N GLN A 60 -10.86 -11.26 12.38
CA GLN A 60 -9.49 -10.83 12.09
C GLN A 60 -8.95 -11.64 10.92
N LEU A 61 -8.75 -10.99 9.78
CA LEU A 61 -8.30 -11.66 8.57
C LEU A 61 -6.80 -11.89 8.52
N GLY A 62 -6.03 -11.30 9.43
CA GLY A 62 -4.60 -11.48 9.43
C GLY A 62 -3.98 -10.83 10.64
N GLU A 63 -2.66 -11.04 10.79
CA GLU A 63 -1.95 -10.54 11.97
C GLU A 63 -1.96 -9.02 12.03
N LYS A 64 -2.01 -8.35 10.88
CA LYS A 64 -2.05 -6.90 10.82
C LYS A 64 -3.44 -6.36 10.54
N GLY A 65 -4.47 -7.19 10.66
CA GLY A 65 -5.83 -6.78 10.39
C GLY A 65 -6.18 -6.93 8.92
N PRO A 66 -7.40 -6.52 8.55
CA PRO A 66 -8.38 -5.90 9.44
C PRO A 66 -9.08 -6.87 10.38
N CYS A 67 -9.62 -6.36 11.49
CA CYS A 67 -10.63 -7.06 12.27
C CYS A 67 -11.96 -6.47 11.83
N GLN A 68 -12.58 -7.11 10.84
CA GLN A 68 -13.76 -6.56 10.19
C GLN A 68 -14.97 -6.68 11.12
N ARG A 69 -15.57 -5.53 11.44
CA ARG A 69 -16.75 -5.51 12.31
C ARG A 69 -17.87 -6.36 11.72
N VAL A 70 -18.40 -7.26 12.53
CA VAL A 70 -19.53 -8.10 12.13
C VAL A 70 -20.82 -7.64 12.79
N VAL A 71 -20.82 -7.49 14.11
CA VAL A 71 -22.02 -7.09 14.85
C VAL A 71 -21.59 -6.48 16.16
N SER A 72 -22.44 -5.61 16.71
CA SER A 72 -22.19 -4.99 17.99
C SER A 72 -23.49 -4.97 18.80
N THR A 73 -23.37 -4.66 20.09
CA THR A 73 -24.52 -4.65 20.96
C THR A 73 -25.39 -3.42 20.69
N HIS A 74 -26.53 -3.38 21.37
CA HIS A 74 -27.52 -2.33 21.17
C HIS A 74 -26.90 -0.95 21.37
N ASN A 75 -27.37 0.02 20.58
CA ASN A 75 -26.83 1.38 20.66
C ASN A 75 -26.99 1.96 22.06
N LEU A 76 -28.01 1.54 22.80
CA LEU A 76 -28.18 1.94 24.19
C LEU A 76 -27.57 0.86 25.08
N TRP A 77 -26.60 1.25 25.90
CA TRP A 77 -25.97 0.29 26.80
C TRP A 77 -26.97 -0.32 27.77
N LEU A 78 -28.02 0.43 28.13
CA LEU A 78 -29.04 -0.08 29.04
C LEU A 78 -29.75 -1.30 28.46
N LEU A 79 -29.81 -1.41 27.14
CA LEU A 79 -30.49 -2.52 26.47
C LEU A 79 -29.51 -3.54 25.91
N SER A 80 -28.35 -3.73 26.56
CA SER A 80 -27.34 -4.64 26.05
C SER A 80 -27.83 -6.08 26.01
N PHE A 81 -28.85 -6.43 26.80
CA PHE A 81 -29.36 -7.80 26.79
C PHE A 81 -30.12 -8.12 25.50
N LEU A 82 -30.58 -7.11 24.77
CA LEU A 82 -31.31 -7.35 23.54
C LEU A 82 -30.38 -7.94 22.48
N ARG A 83 -30.83 -9.01 21.83
CA ARG A 83 -30.03 -9.67 20.81
C ARG A 83 -30.00 -8.84 19.53
N ARG A 84 -28.79 -8.59 19.02
CA ARG A 84 -28.59 -7.88 17.77
C ARG A 84 -28.08 -8.87 16.73
N TRP A 85 -28.50 -8.68 15.48
CA TRP A 85 -28.22 -9.63 14.42
C TRP A 85 -27.46 -8.96 13.27
N ASN A 86 -26.60 -9.76 12.63
CA ASN A 86 -26.03 -9.43 11.32
C ASN A 86 -25.93 -10.75 10.56
N GLY A 87 -26.91 -11.01 9.71
CA GLY A 87 -26.94 -12.27 9.00
C GLY A 87 -27.21 -13.41 9.96
N SER A 88 -26.33 -14.40 9.97
CA SER A 88 -26.45 -15.54 10.85
C SER A 88 -25.66 -15.38 12.15
N THR A 89 -25.16 -14.17 12.43
CA THR A 89 -24.42 -13.89 13.65
C THR A 89 -25.27 -13.02 14.57
N ALA A 90 -25.39 -13.44 15.82
CA ALA A 90 -26.14 -12.69 16.83
C ALA A 90 -25.23 -12.41 18.01
N ILE A 91 -25.55 -11.33 18.75
CA ILE A 91 -24.77 -10.93 19.91
C ILE A 91 -25.72 -10.47 21.02
N THR A 92 -25.41 -10.88 22.24
CA THR A 92 -26.14 -10.44 23.43
C THR A 92 -25.15 -10.27 24.56
N ASP A 93 -25.44 -9.34 25.46
CA ASP A 93 -24.48 -8.94 26.49
C ASP A 93 -25.14 -8.95 27.86
N ASP A 94 -24.54 -9.67 28.80
CA ASP A 94 -24.92 -9.64 30.21
C ASP A 94 -23.95 -8.72 30.92
N THR A 95 -24.30 -7.44 31.01
CA THR A 95 -23.44 -6.47 31.66
C THR A 95 -23.38 -6.64 33.18
N LEU A 96 -24.29 -7.44 33.75
CA LEU A 96 -24.26 -7.69 35.19
C LEU A 96 -23.25 -8.76 35.54
N GLY A 97 -23.45 -9.98 35.04
CA GLY A 97 -22.50 -11.05 35.26
C GLY A 97 -21.19 -10.85 34.53
N GLY A 98 -21.18 -10.02 33.50
CA GLY A 98 -19.97 -9.76 32.74
C GLY A 98 -19.63 -10.87 31.76
N THR A 99 -20.59 -11.20 30.89
CA THR A 99 -20.39 -12.27 29.91
C THR A 99 -21.02 -11.84 28.59
N LEU A 100 -20.19 -11.74 27.55
CA LEU A 100 -20.66 -11.46 26.20
C LEU A 100 -20.85 -12.77 25.45
N THR A 101 -21.96 -12.88 24.73
CA THR A 101 -22.30 -14.11 24.03
C THR A 101 -22.55 -13.83 22.56
N ILE A 102 -21.87 -14.58 21.70
CA ILE A 102 -22.04 -14.48 20.25
C ILE A 102 -22.52 -15.83 19.75
N THR A 103 -23.57 -15.82 18.93
CA THR A 103 -24.11 -17.03 18.32
C THR A 103 -23.83 -17.02 16.83
N LEU A 104 -23.22 -18.10 16.34
CA LEU A 104 -23.03 -18.30 14.91
C LEU A 104 -24.05 -19.32 14.44
N ARG A 105 -25.14 -18.83 13.84
CA ARG A 105 -26.20 -19.71 13.36
C ARG A 105 -25.73 -20.46 12.11
N ASN A 106 -26.12 -21.72 12.02
CA ASN A 106 -25.84 -22.57 10.86
C ASN A 106 -24.37 -22.51 10.49
N LEU A 107 -23.54 -22.99 11.42
CA LEU A 107 -22.09 -22.92 11.26
C LEU A 107 -21.65 -23.62 9.99
N GLN A 108 -20.78 -22.95 9.23
CA GLN A 108 -20.29 -23.44 7.95
C GLN A 108 -18.76 -23.43 7.96
N PRO A 109 -18.13 -24.23 7.10
CA PRO A 109 -16.66 -24.26 7.08
C PRO A 109 -16.02 -22.91 6.84
N HIS A 110 -16.63 -22.06 6.02
CA HIS A 110 -16.05 -20.75 5.74
C HIS A 110 -16.17 -19.78 6.91
N ASP A 111 -16.81 -20.19 8.02
CA ASP A 111 -16.80 -19.38 9.23
C ASP A 111 -15.53 -19.56 10.05
N ALA A 112 -14.70 -20.55 9.72
CA ALA A 112 -13.50 -20.81 10.51
C ALA A 112 -12.53 -19.64 10.40
N GLY A 113 -11.83 -19.38 11.49
CA GLY A 113 -10.89 -18.27 11.54
C GLY A 113 -10.83 -17.60 12.89
N LEU A 114 -10.05 -16.53 12.99
CA LEU A 114 -9.82 -15.83 14.25
C LEU A 114 -10.77 -14.64 14.36
N TYR A 115 -11.32 -14.44 15.55
CA TYR A 115 -12.23 -13.34 15.84
C TYR A 115 -11.81 -12.67 17.13
N GLN A 116 -12.37 -11.48 17.37
CA GLN A 116 -12.11 -10.71 18.57
C GLN A 116 -13.40 -10.32 19.25
N CYS A 117 -13.43 -10.47 20.58
CA CYS A 117 -14.43 -9.82 21.42
C CYS A 117 -13.87 -8.48 21.86
N GLN A 118 -14.64 -7.41 21.68
CA GLN A 118 -14.15 -6.07 21.93
C GLN A 118 -15.08 -5.30 22.85
N SER A 119 -14.48 -4.45 23.68
CA SER A 119 -15.19 -3.46 24.48
C SER A 119 -14.90 -2.08 23.91
N LEU A 120 -15.96 -1.32 23.67
CA LEU A 120 -15.86 -0.04 22.97
C LEU A 120 -16.00 1.12 23.94
N HIS A 121 -15.14 2.12 23.78
CA HIS A 121 -15.27 3.37 24.54
C HIS A 121 -14.70 4.50 23.70
N GLY A 122 -15.57 5.36 23.20
CA GLY A 122 -15.12 6.47 22.37
C GLY A 122 -14.57 5.97 21.04
N SER A 123 -13.35 6.37 20.72
CA SER A 123 -12.66 5.92 19.53
C SER A 123 -11.73 4.74 19.80
N GLU A 124 -11.82 4.15 20.99
CA GLU A 124 -10.95 3.06 21.39
C GLU A 124 -11.73 1.74 21.43
N ALA A 125 -10.98 0.65 21.45
CA ALA A 125 -11.57 -0.68 21.56
C ALA A 125 -10.57 -1.60 22.25
N ASP A 126 -10.97 -2.19 23.37
CA ASP A 126 -10.15 -3.13 24.11
C ASP A 126 -10.53 -4.55 23.70
N THR A 127 -9.53 -5.37 23.45
CA THR A 127 -9.76 -6.78 23.14
C THR A 127 -10.11 -7.53 24.42
N LEU A 128 -11.32 -8.10 24.46
CA LEU A 128 -11.70 -8.92 25.60
C LEU A 128 -11.19 -10.35 25.47
N ARG A 129 -11.13 -10.87 24.24
CA ARG A 129 -10.76 -12.26 24.02
C ARG A 129 -10.52 -12.47 22.54
N LYS A 130 -9.42 -13.15 22.20
CA LYS A 130 -9.18 -13.61 20.84
C LYS A 130 -9.72 -15.03 20.71
N VAL A 131 -10.67 -15.21 19.79
CA VAL A 131 -11.43 -16.45 19.67
C VAL A 131 -11.12 -17.09 18.33
N LEU A 132 -10.67 -18.35 18.37
CA LEU A 132 -10.50 -19.15 17.18
C LEU A 132 -11.73 -20.03 17.00
N VAL A 133 -12.45 -19.82 15.90
CA VAL A 133 -13.58 -20.65 15.54
C VAL A 133 -13.08 -21.78 14.64
N GLU A 134 -13.26 -23.02 15.10
CA GLU A 134 -12.90 -24.20 14.32
C GLU A 134 -14.17 -24.99 14.03
N VAL A 135 -14.36 -25.35 12.77
CA VAL A 135 -15.58 -26.00 12.30
C VAL A 135 -15.27 -27.46 11.99
N LEU A 136 -15.98 -28.37 12.64
CA LEU A 136 -15.86 -29.80 12.38
C LEU A 136 -16.97 -30.23 11.43
N ALA A 137 -16.63 -31.12 10.51
CA ALA A 137 -17.65 -31.72 9.66
C ALA A 137 -18.60 -32.55 10.50
N ASP A 138 -19.85 -32.62 10.06
CA ASP A 138 -20.84 -33.44 10.74
C ASP A 138 -20.52 -34.91 10.50
N PRO A 139 -20.09 -35.67 11.51
CA PRO A 139 -19.73 -37.07 11.30
C PRO A 139 -20.89 -38.05 11.33
N LEU A 140 -22.13 -37.57 11.38
CA LEU A 140 -23.30 -38.41 11.55
C LEU A 140 -24.11 -38.47 10.27
N ASP A 141 -24.62 -39.66 9.96
CA ASP A 141 -25.48 -39.89 8.80
C ASP A 141 -26.92 -39.75 9.27
N HIS A 142 -27.51 -38.57 9.09
CA HIS A 142 -28.87 -38.28 9.51
C HIS A 142 -29.92 -38.77 8.51
N ARG A 143 -29.61 -39.83 7.75
CA ARG A 143 -30.56 -40.32 6.76
C ARG A 143 -31.82 -40.87 7.41
N ASP A 144 -31.67 -41.55 8.55
CA ASP A 144 -32.79 -42.12 9.30
C ASP A 144 -33.66 -43.03 8.43
N ASN B 27 23.87 15.86 -0.11
CA ASN B 27 24.39 17.08 -0.70
C ASN B 27 24.02 17.15 -2.18
N THR B 28 22.98 17.91 -2.49
CA THR B 28 22.47 18.00 -3.85
C THR B 28 23.15 19.15 -4.61
N THR B 29 23.25 18.98 -5.92
CA THR B 29 23.83 19.97 -6.81
C THR B 29 22.74 20.55 -7.70
N VAL B 30 22.68 21.87 -7.79
CA VAL B 30 21.60 22.57 -8.49
C VAL B 30 22.09 23.01 -9.86
N PHE B 31 21.32 22.65 -10.89
CA PHE B 31 21.53 23.13 -12.25
C PHE B 31 20.31 23.95 -12.65
N GLN B 32 20.54 25.17 -13.12
CA GLN B 32 19.46 26.08 -13.49
C GLN B 32 19.44 26.27 -15.00
N GLY B 33 18.25 26.24 -15.57
CA GLY B 33 18.08 26.47 -16.99
C GLY B 33 16.81 27.24 -17.26
N VAL B 34 16.80 27.95 -18.37
CA VAL B 34 15.64 28.74 -18.78
C VAL B 34 14.72 27.87 -19.62
N ALA B 35 13.42 28.01 -19.41
CA ALA B 35 12.44 27.28 -20.21
C ALA B 35 12.66 27.56 -21.69
N GLY B 36 12.53 26.50 -22.50
CA GLY B 36 12.80 26.57 -23.91
C GLY B 36 14.24 26.29 -24.30
N GLN B 37 15.19 26.47 -23.38
CA GLN B 37 16.59 26.18 -23.63
C GLN B 37 16.87 24.69 -23.41
N SER B 38 18.06 24.27 -23.83
CA SER B 38 18.57 22.93 -23.54
C SER B 38 19.48 23.02 -22.33
N LEU B 39 19.16 22.27 -21.28
CA LEU B 39 19.98 22.20 -20.08
C LEU B 39 20.90 20.99 -20.17
N GLN B 40 22.16 21.19 -19.80
CA GLN B 40 23.16 20.13 -19.81
C GLN B 40 23.62 19.87 -18.38
N VAL B 41 23.37 18.65 -17.91
CA VAL B 41 23.79 18.23 -16.57
C VAL B 41 25.04 17.36 -16.72
N SER B 42 26.06 17.67 -15.93
CA SER B 42 27.32 16.93 -15.95
C SER B 42 27.52 16.26 -14.59
N CYS B 43 27.86 14.97 -14.63
CA CYS B 43 28.08 14.17 -13.42
C CYS B 43 29.47 13.56 -13.49
N PRO B 44 30.47 14.20 -12.91
CA PRO B 44 31.81 13.61 -12.88
C PRO B 44 31.88 12.45 -11.90
N TYR B 45 32.75 11.50 -12.21
CA TYR B 45 32.89 10.32 -11.36
C TYR B 45 34.29 9.74 -11.54
N ASP B 46 34.66 8.88 -10.59
CA ASP B 46 35.93 8.18 -10.66
C ASP B 46 35.86 7.12 -11.74
N SER B 47 36.54 7.36 -12.87
CA SER B 47 36.47 6.44 -13.99
C SER B 47 37.05 5.07 -13.66
N MET B 48 37.93 4.98 -12.66
CA MET B 48 38.48 3.69 -12.28
C MET B 48 37.54 2.93 -11.35
N LYS B 49 36.97 3.61 -10.37
CA LYS B 49 36.03 2.97 -9.46
C LYS B 49 34.80 2.44 -10.18
N HIS B 50 34.35 3.13 -11.23
CA HIS B 50 33.15 2.76 -11.96
C HIS B 50 33.47 2.21 -13.35
N TRP B 51 34.67 1.68 -13.56
CA TRP B 51 35.02 1.13 -14.86
C TRP B 51 34.11 -0.03 -15.22
N GLY B 52 33.68 -0.06 -16.48
CA GLY B 52 32.85 -1.14 -16.98
C GLY B 52 31.39 -1.08 -16.55
N ARG B 53 30.98 -0.01 -15.87
CA ARG B 53 29.60 0.13 -15.42
C ARG B 53 28.86 1.10 -16.32
N ARG B 54 27.68 0.69 -16.79
CA ARG B 54 26.79 1.62 -17.50
C ARG B 54 26.18 2.61 -16.50
N LYS B 55 25.66 3.71 -17.04
CA LYS B 55 25.12 4.79 -16.23
C LYS B 55 23.64 4.99 -16.54
N ALA B 56 22.95 5.68 -15.62
CA ALA B 56 21.52 5.91 -15.76
C ALA B 56 21.15 7.25 -15.18
N TRP B 57 20.00 7.76 -15.63
CA TRP B 57 19.45 9.04 -15.20
C TRP B 57 17.99 8.81 -14.86
N CYS B 58 17.60 9.08 -13.62
CA CYS B 58 16.23 8.86 -13.17
C CYS B 58 15.72 10.06 -12.39
N ARG B 59 14.41 10.23 -12.38
CA ARG B 59 13.74 11.32 -11.69
C ARG B 59 13.16 10.81 -10.38
N GLN B 60 13.58 11.42 -9.27
CA GLN B 60 13.15 10.99 -7.95
C GLN B 60 11.91 11.79 -7.55
N LEU B 61 10.77 11.11 -7.42
CA LEU B 61 9.50 11.78 -7.16
C LEU B 61 9.28 12.09 -5.68
N GLY B 62 10.00 11.44 -4.79
CA GLY B 62 9.81 11.70 -3.37
C GLY B 62 10.96 11.13 -2.57
N GLU B 63 10.91 11.38 -1.25
CA GLU B 63 11.98 10.92 -0.37
C GLU B 63 12.07 9.40 -0.35
N LYS B 64 10.96 8.69 -0.51
CA LYS B 64 10.94 7.23 -0.54
C LYS B 64 10.85 6.69 -1.96
N GLY B 65 11.14 7.52 -2.96
CA GLY B 65 11.04 7.10 -4.34
C GLY B 65 9.64 7.23 -4.89
N PRO B 66 9.43 6.78 -6.13
CA PRO B 66 10.43 6.13 -6.99
C PRO B 66 11.44 7.09 -7.61
N CYS B 67 12.57 6.56 -8.06
CA CYS B 67 13.45 7.26 -9.00
C CYS B 67 13.19 6.59 -10.35
N GLN B 68 12.24 7.14 -11.09
CA GLN B 68 11.77 6.52 -12.32
C GLN B 68 12.84 6.66 -13.40
N ARG B 69 13.32 5.53 -13.91
CA ARG B 69 14.34 5.52 -14.95
C ARG B 69 13.88 6.32 -16.16
N VAL B 70 14.68 7.30 -16.57
CA VAL B 70 14.41 8.09 -17.76
C VAL B 70 15.20 7.58 -18.96
N VAL B 71 16.52 7.43 -18.79
CA VAL B 71 17.38 7.00 -19.89
C VAL B 71 18.67 6.45 -19.28
N SER B 72 19.31 5.55 -20.02
CA SER B 72 20.58 4.98 -19.61
C SER B 72 21.52 4.94 -20.80
N THR B 73 22.80 4.73 -20.53
CA THR B 73 23.81 4.67 -21.58
C THR B 73 23.62 3.42 -22.43
N HIS B 74 24.45 3.30 -23.46
CA HIS B 74 24.32 2.22 -24.42
C HIS B 74 24.42 0.86 -23.74
N ASN B 75 23.68 -0.12 -24.27
CA ASN B 75 23.72 -1.47 -23.71
C ASN B 75 25.13 -2.03 -23.70
N LEU B 76 25.92 -1.70 -24.72
CA LEU B 76 27.33 -2.08 -24.77
C LEU B 76 28.15 -0.96 -24.14
N TRP B 77 28.91 -1.29 -23.10
CA TRP B 77 29.67 -0.28 -22.38
C TRP B 77 30.74 0.36 -23.26
N LEU B 78 31.29 -0.40 -24.20
CA LEU B 78 32.28 0.16 -25.12
C LEU B 78 31.70 1.27 -25.99
N LEU B 79 30.37 1.30 -26.16
CA LEU B 79 29.70 2.34 -26.93
C LEU B 79 29.06 3.39 -26.03
N SER B 80 29.58 3.58 -24.82
CA SER B 80 29.01 4.55 -23.89
C SER B 80 29.03 5.97 -24.43
N PHE B 81 29.92 6.26 -25.38
CA PHE B 81 30.00 7.61 -25.94
C PHE B 81 28.85 7.92 -26.89
N LEU B 82 28.16 6.89 -27.38
CA LEU B 82 27.02 7.11 -28.27
C LEU B 82 25.85 7.69 -27.49
N ARG B 83 25.25 8.74 -28.03
CA ARG B 83 24.14 9.40 -27.35
C ARG B 83 22.88 8.54 -27.41
N ARG B 84 22.23 8.38 -26.25
CA ARG B 84 20.97 7.66 -26.15
C ARG B 84 19.86 8.64 -25.80
N TRP B 85 18.69 8.45 -26.40
CA TRP B 85 17.57 9.37 -26.24
C TRP B 85 16.37 8.68 -25.63
N ASN B 86 15.59 9.47 -24.87
CA ASN B 86 14.24 9.09 -24.45
C ASN B 86 13.43 10.38 -24.45
N GLY B 87 12.67 10.60 -25.52
CA GLY B 87 11.96 11.86 -25.65
C GLY B 87 12.94 13.01 -25.80
N SER B 88 12.81 14.00 -24.92
CA SER B 88 13.65 15.19 -24.95
C SER B 88 14.87 15.09 -24.04
N THR B 89 15.15 13.91 -23.49
CA THR B 89 16.31 13.70 -22.64
C THR B 89 17.32 12.81 -23.34
N ALA B 90 18.58 13.22 -23.33
CA ALA B 90 19.67 12.44 -23.92
C ALA B 90 20.75 12.22 -22.88
N ILE B 91 21.57 11.20 -23.11
CA ILE B 91 22.65 10.84 -22.19
C ILE B 91 23.85 10.37 -22.99
N THR B 92 25.03 10.80 -22.56
CA THR B 92 26.29 10.32 -23.12
C THR B 92 27.31 10.26 -22.00
N ASP B 93 28.26 9.32 -22.14
CA ASP B 93 29.22 9.05 -21.07
C ASP B 93 30.64 9.13 -21.62
N ASP B 94 31.51 9.81 -20.88
CA ASP B 94 32.95 9.82 -21.16
C ASP B 94 33.59 8.91 -20.13
N THR B 95 33.73 7.63 -20.48
CA THR B 95 34.31 6.66 -19.55
C THR B 95 35.81 6.81 -19.39
N LEU B 96 36.47 7.59 -20.26
CA LEU B 96 37.90 7.82 -20.13
C LEU B 96 38.18 8.88 -19.07
N GLY B 97 37.58 10.06 -19.23
CA GLY B 97 37.72 11.12 -18.25
C GLY B 97 36.82 11.00 -17.05
N GLY B 98 35.78 10.17 -17.12
CA GLY B 98 34.86 10.00 -16.01
C GLY B 98 33.88 11.14 -15.88
N THR B 99 33.11 11.41 -16.94
CA THR B 99 32.12 12.47 -16.93
C THR B 99 30.88 11.99 -17.65
N LEU B 100 29.75 11.96 -16.94
CA LEU B 100 28.46 11.63 -17.50
C LEU B 100 27.71 12.92 -17.81
N THR B 101 27.11 12.98 -19.00
CA THR B 101 26.46 14.20 -19.48
C THR B 101 25.00 13.90 -19.81
N ILE B 102 24.10 14.66 -19.19
CA ILE B 102 22.66 14.56 -19.44
C ILE B 102 22.21 15.84 -20.14
N THR B 103 21.42 15.68 -21.20
CA THR B 103 20.89 16.82 -21.94
C THR B 103 19.38 16.82 -21.83
N LEU B 104 18.83 17.85 -21.18
CA LEU B 104 17.38 18.08 -21.12
C LEU B 104 17.04 19.11 -22.19
N ARG B 105 16.59 18.62 -23.34
CA ARG B 105 16.27 19.49 -24.47
C ARG B 105 14.88 20.10 -24.30
N ASN B 106 14.78 21.39 -24.64
CA ASN B 106 13.52 22.13 -24.57
C ASN B 106 12.93 22.07 -23.15
N LEU B 107 13.70 22.60 -22.20
CA LEU B 107 13.34 22.54 -20.80
C LEU B 107 11.95 23.14 -20.56
N GLN B 108 11.13 22.40 -19.84
CA GLN B 108 9.77 22.79 -19.50
C GLN B 108 9.64 22.95 -17.99
N PRO B 109 8.64 23.72 -17.52
CA PRO B 109 8.47 23.86 -16.08
C PRO B 109 8.28 22.54 -15.35
N HIS B 110 7.58 21.58 -15.97
CA HIS B 110 7.37 20.29 -15.31
C HIS B 110 8.63 19.44 -15.25
N ASP B 111 9.72 19.87 -15.88
CA ASP B 111 11.00 19.17 -15.74
C ASP B 111 11.69 19.47 -14.42
N ALA B 112 11.20 20.46 -13.67
CA ALA B 112 11.82 20.80 -12.39
C ALA B 112 11.63 19.66 -11.39
N GLY B 113 12.65 19.44 -10.58
CA GLY B 113 12.62 18.40 -9.58
C GLY B 113 14.00 17.82 -9.35
N LEU B 114 14.04 16.77 -8.55
CA LEU B 114 15.28 16.10 -8.18
C LEU B 114 15.51 14.89 -9.06
N TYR B 115 16.76 14.69 -9.48
CA TYR B 115 17.15 13.58 -10.32
C TYR B 115 18.40 12.92 -9.75
N GLN B 116 18.71 11.73 -10.24
CA GLN B 116 19.89 10.99 -9.80
C GLN B 116 20.74 10.60 -11.00
N CYS B 117 22.06 10.71 -10.83
CA CYS B 117 23.03 10.07 -11.70
C CYS B 117 23.44 8.75 -11.06
N GLN B 118 23.29 7.65 -11.80
CA GLN B 118 23.49 6.33 -11.23
C GLN B 118 24.54 5.55 -12.01
N SER B 119 25.27 4.70 -11.28
CA SER B 119 26.21 3.75 -11.85
C SER B 119 25.67 2.34 -11.62
N LEU B 120 25.54 1.58 -12.69
CA LEU B 120 24.84 0.30 -12.66
C LEU B 120 25.84 -0.86 -12.65
N HIS B 121 25.60 -1.83 -11.77
CA HIS B 121 26.36 -3.08 -11.79
C HIS B 121 25.44 -4.19 -11.31
N GLY B 122 25.08 -5.11 -12.20
CA GLY B 122 24.17 -6.18 -11.84
C GLY B 122 22.82 -5.62 -11.45
N SER B 123 22.33 -6.03 -10.28
CA SER B 123 21.08 -5.55 -9.74
C SER B 123 21.27 -4.36 -8.80
N GLU B 124 22.46 -3.77 -8.78
CA GLU B 124 22.77 -2.66 -7.90
C GLU B 124 22.83 -1.36 -8.71
N ALA B 125 22.64 -0.25 -8.00
CA ALA B 125 22.72 1.09 -8.60
C ALA B 125 23.30 2.03 -7.55
N ASP B 126 24.49 2.55 -7.82
CA ASP B 126 25.15 3.50 -6.94
C ASP B 126 24.85 4.92 -7.42
N THR B 127 24.47 5.79 -6.48
CA THR B 127 24.19 7.17 -6.80
C THR B 127 25.51 7.92 -7.01
N LEU B 128 25.70 8.47 -8.21
CA LEU B 128 26.87 9.29 -8.47
C LEU B 128 26.68 10.73 -8.01
N ARG B 129 25.46 11.24 -8.12
CA ARG B 129 25.19 12.64 -7.81
C ARG B 129 23.68 12.84 -7.77
N LYS B 130 23.21 13.60 -6.79
CA LYS B 130 21.82 14.04 -6.74
C LYS B 130 21.73 15.43 -7.34
N VAL B 131 20.94 15.58 -8.40
CA VAL B 131 20.86 16.80 -9.17
C VAL B 131 19.47 17.41 -9.01
N LEU B 132 19.43 18.67 -8.58
CA LEU B 132 18.19 19.45 -8.56
C LEU B 132 18.14 20.30 -9.81
N VAL B 133 17.10 20.12 -10.61
CA VAL B 133 16.87 20.91 -11.82
C VAL B 133 15.89 22.02 -11.47
N GLU B 134 16.32 23.27 -11.62
CA GLU B 134 15.47 24.43 -11.43
C GLU B 134 15.23 25.10 -12.78
N VAL B 135 13.96 25.24 -13.14
CA VAL B 135 13.57 25.83 -14.41
C VAL B 135 13.24 27.30 -14.17
N LEU B 136 13.91 28.18 -14.91
CA LEU B 136 13.66 29.61 -14.84
C LEU B 136 12.72 30.03 -15.95
N ALA B 137 11.80 30.93 -15.63
CA ALA B 137 10.89 31.46 -16.64
C ALA B 137 11.67 32.27 -17.67
N ASP B 138 11.21 32.20 -18.92
CA ASP B 138 11.83 32.96 -20.00
C ASP B 138 11.35 34.41 -19.93
N PRO B 139 12.22 35.35 -19.56
CA PRO B 139 11.81 36.75 -19.43
C PRO B 139 11.76 37.51 -20.74
N LEU B 140 12.09 36.87 -21.86
CA LEU B 140 12.21 37.56 -23.14
C LEU B 140 10.99 37.29 -24.01
N ASP B 141 10.50 38.33 -24.65
CA ASP B 141 9.38 38.24 -25.59
C ASP B 141 9.96 38.05 -26.99
N HIS B 142 9.78 36.87 -27.57
CA HIS B 142 10.37 36.53 -28.85
C HIS B 142 9.48 36.90 -30.04
N ARG B 143 8.49 37.77 -29.84
CA ARG B 143 7.64 38.18 -30.94
C ARG B 143 8.39 39.08 -31.90
N ASP B 144 8.16 38.87 -33.20
CA ASP B 144 8.78 39.69 -34.24
C ASP B 144 7.72 40.39 -35.08
N GLU C 3 12.74 18.88 13.03
CA GLU C 3 13.78 19.55 12.25
C GLU C 3 13.19 20.61 11.34
N VAL C 4 12.45 20.17 10.31
CA VAL C 4 11.78 21.11 9.43
C VAL C 4 10.68 21.83 10.20
N GLN C 5 10.63 23.15 10.08
CA GLN C 5 9.65 23.95 10.78
C GLN C 5 9.12 25.04 9.86
N LEU C 6 7.80 25.25 9.91
CA LEU C 6 7.13 26.33 9.20
C LEU C 6 6.18 27.01 10.17
N LEU C 7 6.24 28.33 10.24
CA LEU C 7 5.43 29.09 11.19
C LEU C 7 4.83 30.31 10.48
N GLU C 8 3.51 30.35 10.41
CA GLU C 8 2.80 31.45 9.76
C GLU C 8 2.49 32.56 10.76
N SER C 9 2.33 33.77 10.24
CA SER C 9 1.90 34.91 11.03
C SER C 9 1.33 35.95 10.07
N GLY C 10 0.66 36.95 10.65
CA GLY C 10 0.06 38.02 9.88
C GLY C 10 -1.45 37.95 9.77
N GLY C 11 -2.07 36.89 10.29
CA GLY C 11 -3.52 36.80 10.27
C GLY C 11 -4.16 37.75 11.25
N GLY C 12 -5.48 37.85 11.16
CA GLY C 12 -6.23 38.70 12.07
C GLY C 12 -7.54 39.13 11.45
N LEU C 13 -8.14 40.15 12.06
CA LEU C 13 -9.41 40.69 11.61
C LEU C 13 -9.18 41.80 10.59
N VAL C 14 -9.99 41.80 9.53
CA VAL C 14 -9.83 42.74 8.43
C VAL C 14 -11.20 43.05 7.86
N GLN C 15 -11.37 44.30 7.37
CA GLN C 15 -12.64 44.69 6.78
C GLN C 15 -12.69 44.33 5.31
N PRO C 16 -13.89 44.07 4.77
CA PRO C 16 -14.03 43.76 3.35
C PRO C 16 -13.42 44.86 2.48
N GLY C 17 -12.70 44.44 1.44
CA GLY C 17 -11.96 45.35 0.60
C GLY C 17 -10.58 45.71 1.10
N GLY C 18 -10.29 45.45 2.38
CA GLY C 18 -8.98 45.73 2.92
C GLY C 18 -7.93 44.77 2.41
N SER C 19 -6.69 45.01 2.84
CA SER C 19 -5.56 44.21 2.44
C SER C 19 -4.93 43.54 3.66
N LEU C 20 -4.15 42.49 3.40
CA LEU C 20 -3.51 41.73 4.46
C LEU C 20 -2.33 40.98 3.86
N ARG C 21 -1.25 40.88 4.63
CA ARG C 21 -0.01 40.24 4.17
C ARG C 21 0.37 39.16 5.17
N LEU C 22 0.37 37.91 4.71
CA LEU C 22 0.77 36.78 5.55
C LEU C 22 2.25 36.49 5.36
N SER C 23 2.86 35.95 6.41
CA SER C 23 4.28 35.61 6.40
C SER C 23 4.44 34.17 6.88
N CYS C 24 5.53 33.54 6.45
CA CYS C 24 5.82 32.16 6.81
C CYS C 24 7.33 32.00 6.97
N ALA C 25 7.78 31.81 8.22
CA ALA C 25 9.19 31.60 8.50
C ALA C 25 9.52 30.12 8.41
N ALA C 26 10.63 29.81 7.75
CA ALA C 26 11.05 28.44 7.49
C ALA C 26 12.43 28.18 8.08
N SER C 27 12.61 26.98 8.62
CA SER C 27 13.89 26.57 9.17
C SER C 27 14.02 25.05 9.06
N GLY C 28 15.25 24.58 8.98
CA GLY C 28 15.54 23.16 8.91
C GLY C 28 15.75 22.60 7.52
N PHE C 29 15.80 23.43 6.50
CA PHE C 29 16.02 22.97 5.14
C PHE C 29 16.48 24.15 4.29
N THR C 30 17.14 23.82 3.18
CA THR C 30 17.60 24.86 2.26
C THR C 30 16.41 25.49 1.54
N PHE C 31 15.91 26.59 2.10
CA PHE C 31 14.65 27.17 1.64
C PHE C 31 14.65 27.50 0.16
N SER C 32 15.78 28.00 -0.35
CA SER C 32 15.84 28.48 -1.72
C SER C 32 15.85 27.36 -2.77
N TYR C 33 15.72 26.11 -2.37
CA TYR C 33 15.73 24.99 -3.33
C TYR C 33 14.35 24.38 -3.55
N TYR C 34 13.32 24.83 -2.83
CA TYR C 34 12.02 24.20 -2.84
C TYR C 34 10.93 25.14 -3.33
N TYR C 35 10.00 24.60 -4.11
CA TYR C 35 8.73 25.27 -4.32
C TYR C 35 7.97 25.38 -3.00
N MET C 36 7.23 26.47 -2.83
CA MET C 36 6.42 26.69 -1.65
C MET C 36 5.00 27.06 -2.08
N GLY C 37 4.05 26.88 -1.16
CA GLY C 37 2.66 27.12 -1.49
C GLY C 37 1.83 27.51 -0.29
N TRP C 38 0.59 27.90 -0.57
CA TRP C 38 -0.38 28.30 0.44
C TRP C 38 -1.66 27.50 0.24
N VAL C 39 -2.21 27.00 1.35
CA VAL C 39 -3.49 26.30 1.38
C VAL C 39 -4.35 26.91 2.48
N ARG C 40 -5.62 27.13 2.20
CA ARG C 40 -6.53 27.72 3.17
C ARG C 40 -7.71 26.79 3.43
N GLN C 41 -8.39 27.03 4.55
CA GLN C 41 -9.53 26.21 4.97
C GLN C 41 -10.55 27.10 5.66
N ALA C 42 -11.69 27.32 5.00
CA ALA C 42 -12.79 28.03 5.62
C ALA C 42 -13.37 27.19 6.75
N PRO C 43 -13.90 27.83 7.79
CA PRO C 43 -14.45 27.07 8.93
C PRO C 43 -15.59 26.16 8.48
N GLY C 44 -15.43 24.86 8.76
CA GLY C 44 -16.41 23.88 8.38
C GLY C 44 -16.34 23.42 6.94
N LYS C 45 -15.32 23.82 6.20
CA LYS C 45 -15.16 23.43 4.80
C LYS C 45 -13.85 22.67 4.61
N GLY C 46 -13.62 22.24 3.37
CA GLY C 46 -12.44 21.46 3.05
C GLY C 46 -11.25 22.33 2.69
N LEU C 47 -10.14 21.65 2.39
CA LEU C 47 -8.92 22.34 1.99
C LEU C 47 -9.09 22.95 0.60
N GLU C 48 -8.59 24.17 0.43
CA GLU C 48 -8.57 24.83 -0.86
C GLU C 48 -7.16 25.30 -1.15
N TRP C 49 -6.58 24.78 -2.23
CA TRP C 49 -5.25 25.20 -2.65
C TRP C 49 -5.31 26.63 -3.18
N VAL C 50 -4.35 27.45 -2.77
CA VAL C 50 -4.36 28.89 -3.04
C VAL C 50 -3.31 29.27 -4.08
N SER C 51 -2.03 28.97 -3.82
CA SER C 51 -0.98 29.50 -4.66
C SER C 51 0.30 28.69 -4.47
N GLY C 52 1.18 28.78 -5.46
CA GLY C 52 2.50 28.17 -5.37
C GLY C 52 3.52 29.02 -6.11
N ILE C 53 4.77 28.94 -5.66
CA ILE C 53 5.83 29.79 -6.20
C ILE C 53 7.13 29.00 -6.33
N SER C 54 7.87 29.26 -7.42
CA SER C 54 9.12 28.58 -7.70
C SER C 54 10.26 29.14 -6.85
N PRO C 55 11.36 28.40 -6.74
CA PRO C 55 12.52 28.93 -5.97
C PRO C 55 13.05 30.25 -6.49
N SER C 56 12.99 30.50 -7.80
CA SER C 56 13.46 31.76 -8.37
C SER C 56 12.41 32.85 -8.38
N SER C 57 11.18 32.55 -7.95
CA SER C 57 10.00 33.41 -8.03
C SER C 57 9.56 33.67 -9.46
N GLY C 58 10.22 33.07 -10.45
CA GLY C 58 9.83 33.29 -11.83
C GLY C 58 8.53 32.62 -12.21
N TYR C 59 8.12 31.59 -11.47
CA TYR C 59 6.85 30.91 -11.70
C TYR C 59 5.97 31.07 -10.47
N THR C 60 4.79 31.64 -10.66
CA THR C 60 3.78 31.76 -9.62
C THR C 60 2.47 31.25 -10.16
N TYR C 61 1.74 30.49 -9.34
CA TYR C 61 0.47 29.91 -9.73
C TYR C 61 -0.60 30.32 -8.73
N TYR C 62 -1.83 30.48 -9.22
CA TYR C 62 -2.92 30.96 -8.39
C TYR C 62 -4.19 30.21 -8.72
N ALA C 63 -4.93 29.83 -7.68
CA ALA C 63 -6.28 29.31 -7.88
C ALA C 63 -7.15 30.38 -8.51
N ASP C 64 -8.18 29.93 -9.23
CA ASP C 64 -9.04 30.86 -9.97
C ASP C 64 -9.71 31.87 -9.04
N SER C 65 -10.13 31.42 -7.86
CA SER C 65 -10.88 32.29 -6.94
C SER C 65 -10.02 33.40 -6.33
N VAL C 66 -8.71 33.37 -6.51
CA VAL C 66 -7.82 34.42 -6.00
C VAL C 66 -6.92 34.99 -7.07
N LYS C 67 -7.04 34.55 -8.32
CA LYS C 67 -6.19 35.04 -9.39
C LYS C 67 -6.44 36.52 -9.62
N GLY C 68 -5.38 37.33 -9.51
CA GLY C 68 -5.46 38.76 -9.64
C GLY C 68 -5.57 39.50 -8.32
N ARG C 69 -6.11 38.85 -7.28
CA ARG C 69 -6.24 39.48 -5.98
C ARG C 69 -5.04 39.21 -5.08
N PHE C 70 -4.45 38.02 -5.17
CA PHE C 70 -3.36 37.61 -4.30
C PHE C 70 -2.05 37.65 -5.06
N THR C 71 -0.96 37.88 -4.32
CA THR C 71 0.39 37.83 -4.86
C THR C 71 1.26 37.05 -3.90
N ILE C 72 1.84 35.95 -4.36
CA ILE C 72 2.76 35.15 -3.57
C ILE C 72 4.18 35.61 -3.87
N SER C 73 5.02 35.60 -2.85
CA SER C 73 6.41 36.02 -3.01
C SER C 73 7.25 35.37 -1.91
N ARG C 74 8.57 35.49 -2.05
CA ARG C 74 9.48 34.84 -1.13
C ARG C 74 10.76 35.63 -1.02
N ASP C 75 11.44 35.48 0.11
CA ASP C 75 12.77 36.05 0.34
C ASP C 75 13.69 34.89 0.74
N ASN C 76 14.47 34.41 -0.22
CA ASN C 76 15.33 33.25 0.04
C ASN C 76 16.42 33.55 1.06
N SER C 77 16.87 34.81 1.13
CA SER C 77 17.88 35.16 2.13
C SER C 77 17.31 35.16 3.53
N LYS C 78 16.04 35.53 3.70
CA LYS C 78 15.38 35.50 4.98
C LYS C 78 14.68 34.18 5.28
N ASN C 79 14.63 33.26 4.32
CA ASN C 79 13.92 31.99 4.47
C ASN C 79 12.45 32.22 4.83
N THR C 80 11.81 33.12 4.08
CA THR C 80 10.46 33.55 4.41
C THR C 80 9.58 33.51 3.16
N LEU C 81 8.36 32.99 3.32
CA LEU C 81 7.34 33.02 2.29
C LEU C 81 6.30 34.07 2.66
N TYR C 82 5.76 34.74 1.64
CA TYR C 82 4.76 35.78 1.84
C TYR C 82 3.54 35.51 0.98
N LEU C 83 2.39 36.01 1.43
CA LEU C 83 1.16 36.01 0.65
C LEU C 83 0.49 37.36 0.83
N GLN C 84 0.49 38.17 -0.22
CA GLN C 84 -0.18 39.46 -0.21
C GLN C 84 -1.62 39.27 -0.68
N MET C 85 -2.57 39.67 0.15
CA MET C 85 -3.99 39.49 -0.14
C MET C 85 -4.65 40.85 -0.25
N ASN C 86 -5.23 41.14 -1.41
CA ASN C 86 -5.90 42.40 -1.67
C ASN C 86 -7.38 42.14 -1.97
N SER C 87 -8.20 43.18 -1.78
CA SER C 87 -9.62 43.14 -2.08
C SER C 87 -10.29 41.96 -1.39
N LEU C 88 -10.07 41.85 -0.09
CA LEU C 88 -10.53 40.70 0.67
C LEU C 88 -12.06 40.66 0.73
N ARG C 89 -12.63 39.50 0.44
CA ARG C 89 -14.06 39.25 0.51
C ARG C 89 -14.36 38.36 1.71
N ALA C 90 -15.66 38.22 2.01
CA ALA C 90 -16.07 37.38 3.12
C ALA C 90 -15.67 35.93 2.90
N GLU C 91 -15.69 35.47 1.65
CA GLU C 91 -15.33 34.10 1.32
C GLU C 91 -13.82 33.82 1.46
N ASP C 92 -13.03 34.83 1.79
CA ASP C 92 -11.61 34.65 2.06
C ASP C 92 -11.32 34.33 3.53
N THR C 93 -12.36 34.33 4.38
CA THR C 93 -12.18 33.96 5.78
C THR C 93 -11.80 32.49 5.87
N ALA C 94 -10.63 32.22 6.45
CA ALA C 94 -10.09 30.87 6.50
C ALA C 94 -8.85 30.86 7.36
N VAL C 95 -8.45 29.66 7.75
CA VAL C 95 -7.11 29.41 8.27
C VAL C 95 -6.19 29.15 7.09
N TYR C 96 -5.11 29.91 7.00
CA TYR C 96 -4.19 29.82 5.87
C TYR C 96 -2.95 29.04 6.29
N TYR C 97 -2.61 28.00 5.51
CA TYR C 97 -1.50 27.11 5.81
C TYR C 97 -0.34 27.37 4.86
N CYS C 98 0.86 27.36 5.42
CA CYS C 98 2.09 27.38 4.66
C CYS C 98 2.57 25.95 4.45
N ALA C 99 2.98 25.63 3.22
CA ALA C 99 3.39 24.27 2.90
C ALA C 99 4.57 24.26 1.96
N ARG C 100 5.52 23.36 2.22
CA ARG C 100 6.66 23.14 1.34
C ARG C 100 6.37 22.01 0.39
N TYR C 101 6.80 22.17 -0.86
CA TYR C 101 6.79 21.09 -1.84
C TYR C 101 8.11 20.32 -1.76
N TYR C 102 8.02 19.01 -1.89
CA TYR C 102 9.22 18.24 -2.21
C TYR C 102 9.73 18.68 -3.56
N TYR C 103 11.06 18.56 -3.75
CA TYR C 103 11.76 19.04 -4.95
C TYR C 103 10.91 18.97 -6.21
N GLY C 104 10.69 20.11 -6.85
CA GLY C 104 9.80 20.19 -7.98
C GLY C 104 8.44 20.74 -7.59
N TYR C 105 7.52 20.65 -8.54
CA TYR C 105 6.20 21.24 -8.38
C TYR C 105 5.16 20.37 -9.08
N TYR C 106 5.18 20.37 -10.41
CA TYR C 106 4.44 19.37 -11.16
C TYR C 106 4.86 17.97 -10.71
N TYR C 107 3.88 17.10 -10.55
CA TYR C 107 4.08 15.70 -10.15
C TYR C 107 4.61 15.57 -8.73
N SER C 108 4.61 16.64 -7.94
CA SER C 108 5.18 16.63 -6.61
C SER C 108 4.08 16.64 -5.55
N HIS C 109 4.43 17.05 -4.33
CA HIS C 109 3.54 16.93 -3.19
C HIS C 109 4.01 17.86 -2.09
N MET C 110 3.07 18.26 -1.23
CA MET C 110 3.35 19.13 -0.09
C MET C 110 3.69 18.27 1.12
N ASP C 111 4.98 18.16 1.43
CA ASP C 111 5.41 17.22 2.46
C ASP C 111 5.51 17.84 3.85
N TYR C 112 5.59 19.16 3.98
CA TYR C 112 5.67 19.79 5.28
C TYR C 112 4.74 20.99 5.33
N TRP C 113 4.00 21.12 6.43
CA TRP C 113 2.98 22.14 6.60
C TRP C 113 3.25 22.94 7.86
N GLY C 114 2.87 24.21 7.82
CA GLY C 114 2.90 25.06 9.00
C GLY C 114 1.73 24.77 9.92
N GLN C 115 1.56 25.64 10.91
CA GLN C 115 0.50 25.47 11.89
C GLN C 115 -0.76 26.24 11.54
N GLY C 116 -0.71 27.10 10.53
CA GLY C 116 -1.85 27.88 10.12
C GLY C 116 -1.96 29.22 10.84
N THR C 117 -2.64 30.16 10.21
CA THR C 117 -2.94 31.45 10.80
C THR C 117 -4.32 31.88 10.34
N LEU C 118 -5.13 32.38 11.27
CA LEU C 118 -6.53 32.67 11.01
C LEU C 118 -6.70 34.05 10.39
N VAL C 119 -7.50 34.12 9.34
CA VAL C 119 -7.86 35.37 8.68
C VAL C 119 -9.38 35.48 8.70
N THR C 120 -9.89 36.58 9.26
CA THR C 120 -11.31 36.81 9.41
C THR C 120 -11.69 38.10 8.69
N VAL C 121 -12.60 38.01 7.74
CA VAL C 121 -13.11 39.17 7.01
C VAL C 121 -14.48 39.50 7.57
N SER C 122 -14.57 40.64 8.25
CA SER C 122 -15.74 40.98 9.05
C SER C 122 -16.95 41.23 8.17
N SER C 123 -18.09 41.47 8.82
CA SER C 123 -19.34 41.75 8.14
C SER C 123 -19.63 43.24 8.09
N ASP C 139 -10.33 23.92 -14.89
CA ASP C 139 -9.22 23.01 -14.70
C ASP C 139 -9.73 21.61 -14.32
N ILE C 140 -8.94 20.88 -13.53
CA ILE C 140 -9.25 19.50 -13.18
C ILE C 140 -10.09 19.49 -11.91
N GLN C 141 -11.25 18.85 -11.97
CA GLN C 141 -12.14 18.72 -10.83
C GLN C 141 -11.83 17.43 -10.08
N MET C 142 -11.73 17.53 -8.75
CA MET C 142 -11.49 16.37 -7.89
C MET C 142 -12.72 16.14 -7.03
N THR C 143 -13.30 14.95 -7.12
CA THR C 143 -14.48 14.58 -6.34
C THR C 143 -14.19 13.31 -5.56
N GLN C 144 -14.39 13.36 -4.25
CA GLN C 144 -14.16 12.22 -3.37
C GLN C 144 -15.48 11.53 -3.04
N SER C 145 -15.39 10.24 -2.75
CA SER C 145 -16.56 9.43 -2.42
C SER C 145 -16.16 8.41 -1.36
N PRO C 146 -16.93 8.30 -0.27
CA PRO C 146 -18.08 9.16 0.02
C PRO C 146 -17.65 10.44 0.74
N SER C 147 -18.60 11.33 1.02
CA SER C 147 -18.28 12.53 1.79
C SER C 147 -18.11 12.22 3.27
N SER C 148 -18.83 11.22 3.78
CA SER C 148 -18.75 10.82 5.17
C SER C 148 -18.82 9.30 5.25
N LEU C 149 -18.07 8.72 6.19
CA LEU C 149 -18.00 7.28 6.34
C LEU C 149 -17.90 6.93 7.81
N SER C 150 -18.73 5.98 8.24
CA SER C 150 -18.71 5.48 9.61
C SER C 150 -18.03 4.13 9.64
N ALA C 151 -17.03 3.99 10.50
CA ALA C 151 -16.25 2.75 10.58
C ALA C 151 -15.86 2.51 12.03
N SER C 152 -15.32 1.32 12.27
CA SER C 152 -14.93 0.89 13.60
C SER C 152 -13.43 0.64 13.64
N VAL C 153 -12.85 0.72 14.85
CA VAL C 153 -11.45 0.37 15.03
C VAL C 153 -11.22 -1.05 14.55
N GLY C 154 -10.19 -1.22 13.72
CA GLY C 154 -9.87 -2.50 13.13
C GLY C 154 -10.44 -2.69 11.74
N ASP C 155 -11.42 -1.89 11.34
CA ASP C 155 -12.02 -2.04 10.02
C ASP C 155 -11.02 -1.77 8.91
N ARG C 156 -11.29 -2.36 7.75
CA ARG C 156 -10.63 -1.99 6.50
C ARG C 156 -11.46 -0.87 5.85
N VAL C 157 -10.80 0.24 5.52
CA VAL C 157 -11.47 1.42 4.98
C VAL C 157 -10.84 1.77 3.64
N THR C 158 -11.67 1.98 2.63
CA THR C 158 -11.23 2.46 1.33
C THR C 158 -11.99 3.72 0.96
N ILE C 159 -11.25 4.77 0.59
CA ILE C 159 -11.79 6.04 0.16
C ILE C 159 -11.40 6.27 -1.29
N THR C 160 -12.33 6.77 -2.10
CA THR C 160 -12.10 6.95 -3.52
C THR C 160 -12.03 8.43 -3.89
N CYS C 161 -11.28 8.71 -4.95
CA CYS C 161 -11.09 10.04 -5.50
C CYS C 161 -11.12 9.93 -7.01
N ARG C 162 -11.92 10.77 -7.67
CA ARG C 162 -12.06 10.75 -9.12
C ARG C 162 -11.71 12.11 -9.69
N ALA C 163 -10.88 12.11 -10.74
CA ALA C 163 -10.49 13.32 -11.43
C ALA C 163 -11.30 13.48 -12.72
N SER C 164 -11.65 14.72 -13.04
CA SER C 164 -12.45 14.97 -14.23
C SER C 164 -11.69 14.67 -15.52
N GLN C 165 -10.36 14.66 -15.49
CA GLN C 165 -9.55 14.22 -16.60
C GLN C 165 -8.33 13.48 -16.06
N SER C 166 -7.62 12.81 -16.96
CA SER C 166 -6.52 11.94 -16.54
C SER C 166 -5.41 12.76 -15.88
N ILE C 167 -4.97 12.28 -14.71
CA ILE C 167 -3.86 12.88 -14.00
C ILE C 167 -2.70 11.90 -13.84
N SER C 168 -2.71 10.82 -14.62
CA SER C 168 -1.67 9.79 -14.62
C SER C 168 -1.56 9.23 -13.19
N SER C 169 -0.39 9.28 -12.56
CA SER C 169 -0.22 8.77 -11.20
C SER C 169 -0.04 9.89 -10.18
N TYR C 170 -0.36 11.13 -10.54
CA TYR C 170 0.04 12.28 -9.73
C TYR C 170 -1.12 12.71 -8.84
N LEU C 171 -1.36 11.88 -7.82
CA LEU C 171 -2.38 12.11 -6.82
C LEU C 171 -1.77 11.93 -5.44
N ASN C 172 -2.04 12.87 -4.55
CA ASN C 172 -1.56 12.83 -3.18
C ASN C 172 -2.74 12.69 -2.22
N TRP C 173 -2.49 12.04 -1.09
CA TRP C 173 -3.50 11.86 -0.04
C TRP C 173 -3.00 12.54 1.23
N TYR C 174 -3.87 13.33 1.85
CA TYR C 174 -3.55 14.06 3.08
C TYR C 174 -4.54 13.70 4.17
N GLN C 175 -4.08 13.79 5.42
CA GLN C 175 -4.89 13.53 6.59
C GLN C 175 -4.93 14.79 7.45
N GLN C 176 -6.13 15.13 7.94
CA GLN C 176 -6.29 16.23 8.89
C GLN C 176 -7.11 15.73 10.07
N LYS C 177 -6.45 15.56 11.21
CA LYS C 177 -7.13 15.25 12.45
C LYS C 177 -7.81 16.51 12.99
N PRO C 178 -8.88 16.35 13.78
CA PRO C 178 -9.61 17.52 14.30
C PRO C 178 -8.69 18.47 15.06
N GLY C 179 -8.68 19.73 14.64
CA GLY C 179 -7.90 20.76 15.29
C GLY C 179 -6.45 20.83 14.88
N LYS C 180 -6.00 20.03 13.92
CA LYS C 180 -4.61 19.97 13.52
C LYS C 180 -4.46 20.41 12.06
N ALA C 181 -3.22 20.67 11.68
CA ALA C 181 -2.87 20.98 10.31
C ALA C 181 -2.87 19.71 9.46
N PRO C 182 -3.03 19.83 8.14
CA PRO C 182 -2.97 18.65 7.28
C PRO C 182 -1.60 17.98 7.35
N LYS C 183 -1.58 16.73 6.89
CA LYS C 183 -0.38 15.88 6.98
C LYS C 183 -0.38 14.92 5.80
N LEU C 184 0.74 14.86 5.09
CA LEU C 184 0.83 14.04 3.88
C LEU C 184 0.94 12.57 4.24
N LEU C 185 0.13 11.74 3.56
CA LEU C 185 0.16 10.30 3.72
C LEU C 185 0.77 9.59 2.53
N ILE C 186 0.21 9.80 1.35
CA ILE C 186 0.63 9.14 0.12
C ILE C 186 0.91 10.21 -0.93
N TYR C 187 1.99 10.03 -1.70
CA TYR C 187 2.26 10.86 -2.85
C TYR C 187 2.47 9.96 -4.07
N ALA C 188 2.25 10.54 -5.25
CA ALA C 188 2.37 9.82 -6.51
C ALA C 188 1.52 8.55 -6.50
N ALA C 189 0.30 8.68 -5.99
CA ALA C 189 -0.73 7.64 -5.99
C ALA C 189 -0.44 6.49 -5.03
N SER C 190 0.82 6.04 -4.92
CA SER C 190 1.09 4.81 -4.18
C SER C 190 2.32 4.85 -3.28
N SER C 191 3.09 5.93 -3.24
CA SER C 191 4.30 5.97 -2.44
C SER C 191 3.96 6.43 -1.03
N LEU C 192 4.33 5.62 -0.04
CA LEU C 192 4.10 5.95 1.36
C LEU C 192 5.14 6.96 1.82
N GLN C 193 4.68 8.11 2.32
CA GLN C 193 5.58 9.16 2.77
C GLN C 193 6.34 8.70 4.02
N SER C 194 7.56 9.23 4.16
CA SER C 194 8.41 8.90 5.30
C SER C 194 7.69 9.12 6.62
N GLY C 195 7.79 8.12 7.51
CA GLY C 195 7.22 8.22 8.84
C GLY C 195 5.75 7.89 8.94
N VAL C 196 5.07 7.60 7.84
CA VAL C 196 3.64 7.30 7.84
C VAL C 196 3.46 5.81 8.09
N PRO C 197 2.55 5.41 8.97
CA PRO C 197 2.36 3.98 9.25
C PRO C 197 1.99 3.21 7.99
N SER C 198 2.49 1.97 7.90
CA SER C 198 2.33 1.16 6.69
C SER C 198 0.91 0.64 6.49
N ARG C 199 -0.01 0.89 7.41
CA ARG C 199 -1.40 0.49 7.17
C ARG C 199 -2.07 1.35 6.10
N PHE C 200 -1.49 2.50 5.78
CA PHE C 200 -1.99 3.34 4.70
C PHE C 200 -1.38 2.91 3.37
N SER C 201 -2.20 2.90 2.33
CA SER C 201 -1.73 2.62 0.98
C SER C 201 -2.67 3.29 -0.01
N GLY C 202 -2.13 3.54 -1.21
CA GLY C 202 -2.91 4.14 -2.27
C GLY C 202 -2.70 3.40 -3.57
N SER C 203 -3.64 3.60 -4.50
CA SER C 203 -3.56 2.96 -5.79
C SER C 203 -4.38 3.77 -6.79
N GLY C 204 -4.20 3.42 -8.06
CA GLY C 204 -4.97 4.06 -9.12
C GLY C 204 -4.10 4.75 -10.15
N SER C 205 -4.66 4.95 -11.34
CA SER C 205 -3.98 5.65 -12.41
C SER C 205 -5.02 6.22 -13.34
N GLY C 206 -4.71 7.38 -13.94
CA GLY C 206 -5.66 8.04 -14.81
C GLY C 206 -6.64 8.90 -14.05
N THR C 207 -7.83 8.38 -13.76
CA THR C 207 -8.89 9.16 -13.15
C THR C 207 -9.45 8.57 -11.86
N ASP C 208 -9.28 7.27 -11.61
CA ASP C 208 -9.85 6.62 -10.44
C ASP C 208 -8.75 6.21 -9.47
N PHE C 209 -8.89 6.61 -8.22
CA PHE C 209 -7.87 6.38 -7.19
C PHE C 209 -8.53 5.99 -5.89
N THR C 210 -7.82 5.21 -5.07
CA THR C 210 -8.30 4.76 -3.79
C THR C 210 -7.24 4.93 -2.71
N LEU C 211 -7.66 5.40 -1.54
CA LEU C 211 -6.85 5.35 -0.33
C LEU C 211 -7.38 4.23 0.55
N THR C 212 -6.46 3.40 1.06
CA THR C 212 -6.86 2.24 1.85
C THR C 212 -6.14 2.29 3.20
N ILE C 213 -6.92 2.11 4.28
CA ILE C 213 -6.39 1.89 5.62
C ILE C 213 -6.66 0.43 5.94
N SER C 214 -5.60 -0.39 5.99
CA SER C 214 -5.79 -1.83 6.07
C SER C 214 -6.41 -2.26 7.39
N SER C 215 -6.14 -1.52 8.47
CA SER C 215 -6.75 -1.82 9.77
C SER C 215 -6.85 -0.52 10.55
N LEU C 216 -8.07 -0.06 10.77
CA LEU C 216 -8.29 1.28 11.32
C LEU C 216 -7.83 1.36 12.77
N GLN C 217 -7.13 2.45 13.09
CA GLN C 217 -6.64 2.74 14.43
C GLN C 217 -7.37 3.93 15.03
N PRO C 218 -7.37 4.07 16.36
CA PRO C 218 -8.11 5.18 16.99
C PRO C 218 -7.73 6.56 16.48
N GLU C 219 -6.44 6.78 16.19
CA GLU C 219 -6.00 8.08 15.70
C GLU C 219 -6.36 8.32 14.24
N ASP C 220 -6.88 7.31 13.54
CA ASP C 220 -7.20 7.46 12.12
C ASP C 220 -8.55 8.12 11.87
N PHE C 221 -9.38 8.30 12.89
CA PHE C 221 -10.64 9.00 12.72
C PHE C 221 -10.36 10.47 12.45
N ALA C 222 -10.52 10.89 11.20
CA ALA C 222 -10.11 12.21 10.75
C ALA C 222 -10.75 12.44 9.38
N THR C 223 -10.36 13.53 8.72
CA THR C 223 -10.82 13.84 7.38
C THR C 223 -9.66 13.64 6.39
N TYR C 224 -9.96 13.10 5.23
CA TYR C 224 -8.95 12.73 4.25
C TYR C 224 -9.22 13.42 2.93
N TYR C 225 -8.17 14.02 2.36
CA TYR C 225 -8.27 14.80 1.14
C TYR C 225 -7.31 14.24 0.09
N CYS C 226 -7.77 14.18 -1.15
CA CYS C 226 -6.89 13.91 -2.28
C CYS C 226 -6.50 15.22 -2.96
N GLN C 227 -5.42 15.15 -3.74
CA GLN C 227 -4.91 16.32 -4.44
C GLN C 227 -4.18 15.88 -5.70
N GLN C 228 -4.48 16.51 -6.82
CA GLN C 228 -3.78 16.25 -8.07
C GLN C 228 -2.66 17.26 -8.25
N SER C 229 -1.58 16.80 -8.87
CA SER C 229 -0.43 17.66 -9.16
C SER C 229 0.06 17.47 -10.59
N ARG C 230 -0.85 17.05 -11.48
CA ARG C 230 -0.48 16.95 -12.90
C ARG C 230 -0.50 18.31 -13.57
N SER C 231 -1.44 19.17 -13.19
CA SER C 231 -1.49 20.53 -13.73
C SER C 231 -0.76 21.48 -12.78
N GLY C 232 -0.82 22.77 -13.08
CA GLY C 232 -0.20 23.78 -12.23
C GLY C 232 -1.03 24.24 -11.05
N LEU C 233 -2.33 23.93 -11.05
CA LEU C 233 -3.23 24.29 -9.96
C LEU C 233 -3.60 23.01 -9.22
N HIS C 234 -3.03 22.84 -8.02
CA HIS C 234 -3.07 21.55 -7.33
C HIS C 234 -4.32 21.45 -6.45
N THR C 235 -5.44 21.26 -7.13
CA THR C 235 -6.74 21.30 -6.47
C THR C 235 -6.95 20.08 -5.58
N PHE C 236 -7.64 20.29 -4.46
CA PHE C 236 -7.99 19.25 -3.51
C PHE C 236 -9.41 18.74 -3.80
N GLY C 237 -9.65 17.49 -3.41
CA GLY C 237 -11.01 17.00 -3.32
C GLY C 237 -11.74 17.60 -2.13
N GLN C 238 -13.05 17.40 -2.10
CA GLN C 238 -13.84 18.01 -1.03
C GLN C 238 -13.63 17.34 0.32
N GLY C 239 -13.01 16.17 0.36
CA GLY C 239 -12.68 15.54 1.62
C GLY C 239 -13.67 14.44 1.99
N THR C 240 -13.18 13.48 2.78
CA THR C 240 -13.99 12.39 3.30
C THR C 240 -13.79 12.34 4.81
N LYS C 241 -14.87 12.53 5.57
CA LYS C 241 -14.80 12.50 7.02
C LYS C 241 -14.99 11.07 7.49
N LEU C 242 -14.03 10.57 8.27
CA LEU C 242 -14.05 9.21 8.78
C LEU C 242 -14.45 9.27 10.25
N GLU C 243 -15.67 8.84 10.57
CA GLU C 243 -16.22 8.97 11.91
C GLU C 243 -16.48 7.60 12.51
N ILE C 244 -16.67 7.59 13.83
CA ILE C 244 -16.80 6.37 14.61
C ILE C 244 -18.20 5.81 14.42
N LYS C 245 -18.29 4.52 14.11
CA LYS C 245 -19.57 3.83 14.03
C LYS C 245 -20.11 3.53 15.42
N GLU D 3 11.28 -18.18 14.38
CA GLU D 3 10.78 -19.01 15.47
C GLU D 3 9.87 -20.11 14.91
N VAL D 4 8.96 -19.72 14.03
CA VAL D 4 8.15 -20.70 13.31
C VAL D 4 9.02 -21.42 12.30
N GLN D 5 8.97 -22.74 12.30
CA GLN D 5 9.79 -23.56 11.40
C GLN D 5 8.97 -24.65 10.76
N LEU D 6 9.14 -24.83 9.46
CA LEU D 6 8.55 -25.91 8.70
C LEU D 6 9.65 -26.59 7.90
N LEU D 7 9.78 -27.91 8.06
CA LEU D 7 10.87 -28.66 7.45
C LEU D 7 10.29 -29.88 6.74
N GLU D 8 10.39 -29.90 5.41
CA GLU D 8 9.90 -31.01 4.62
C GLU D 8 10.92 -32.14 4.54
N SER D 9 10.43 -33.32 4.18
CA SER D 9 11.28 -34.49 3.97
C SER D 9 10.50 -35.50 3.15
N GLY D 10 11.21 -36.53 2.68
CA GLY D 10 10.62 -37.61 1.94
C GLY D 10 10.81 -37.55 0.44
N GLY D 11 11.35 -36.45 -0.08
CA GLY D 11 11.57 -36.35 -1.51
C GLY D 11 12.73 -37.20 -1.98
N GLY D 12 12.72 -37.50 -3.27
CA GLY D 12 13.78 -38.30 -3.86
C GLY D 12 13.37 -38.78 -5.24
N LEU D 13 14.14 -39.74 -5.75
CA LEU D 13 13.87 -40.34 -7.04
C LEU D 13 12.83 -41.45 -6.89
N VAL D 14 11.98 -41.59 -7.91
CA VAL D 14 10.88 -42.55 -7.87
C VAL D 14 10.49 -42.87 -9.30
N GLN D 15 10.08 -44.12 -9.53
CA GLN D 15 9.71 -44.59 -10.85
C GLN D 15 8.26 -44.22 -11.16
N PRO D 16 7.93 -43.97 -12.42
CA PRO D 16 6.54 -43.72 -12.79
C PRO D 16 5.62 -44.84 -12.33
N GLY D 17 4.45 -44.46 -11.82
CA GLY D 17 3.52 -45.40 -11.25
C GLY D 17 3.74 -45.71 -9.78
N GLY D 18 4.90 -45.33 -9.23
CA GLY D 18 5.18 -45.58 -7.83
C GLY D 18 4.45 -44.64 -6.90
N SER D 19 4.73 -44.81 -5.60
CA SER D 19 4.12 -44.00 -4.56
C SER D 19 5.21 -43.33 -3.73
N LEU D 20 4.82 -42.24 -3.06
CA LEU D 20 5.73 -41.49 -2.21
C LEU D 20 4.92 -40.76 -1.15
N ARG D 21 5.48 -40.66 0.05
CA ARG D 21 4.80 -40.01 1.18
C ARG D 21 5.71 -38.93 1.73
N LEU D 22 5.35 -37.67 1.49
CA LEU D 22 6.11 -36.55 2.02
C LEU D 22 5.69 -36.24 3.45
N SER D 23 6.63 -35.68 4.21
CA SER D 23 6.38 -35.30 5.59
C SER D 23 6.85 -33.87 5.81
N CYS D 24 6.26 -33.22 6.82
CA CYS D 24 6.59 -31.85 7.16
C CYS D 24 6.52 -31.70 8.68
N ALA D 25 7.66 -31.43 9.30
CA ALA D 25 7.72 -31.23 10.74
C ALA D 25 7.59 -29.75 11.06
N ALA D 26 6.71 -29.42 12.00
CA ALA D 26 6.41 -28.04 12.35
C ALA D 26 6.80 -27.77 13.79
N SER D 27 7.31 -26.57 14.05
CA SER D 27 7.66 -26.14 15.40
C SER D 27 7.47 -24.64 15.50
N GLY D 28 7.43 -24.16 16.74
CA GLY D 28 7.32 -22.73 16.99
C GLY D 28 5.92 -22.17 17.00
N PHE D 29 4.89 -23.01 16.89
CA PHE D 29 3.51 -22.55 16.96
C PHE D 29 2.63 -23.73 17.32
N THR D 30 1.39 -23.43 17.73
CA THR D 30 0.42 -24.45 18.10
C THR D 30 -0.12 -25.07 16.81
N PHE D 31 0.51 -26.17 16.40
CA PHE D 31 0.24 -26.78 15.11
C PHE D 31 -1.24 -27.13 14.94
N SER D 32 -1.91 -27.51 16.02
CA SER D 32 -3.28 -27.99 15.94
C SER D 32 -4.29 -26.89 15.63
N TYR D 33 -3.90 -25.62 15.67
CA TYR D 33 -4.84 -24.52 15.52
C TYR D 33 -4.92 -23.98 14.09
N TYR D 34 -4.11 -24.49 13.17
CA TYR D 34 -3.96 -23.90 11.85
C TYR D 34 -4.28 -24.91 10.76
N TYR D 35 -4.96 -24.43 9.71
CA TYR D 35 -4.98 -25.16 8.45
C TYR D 35 -3.57 -25.25 7.88
N MET D 36 -3.28 -26.37 7.23
CA MET D 36 -1.99 -26.59 6.58
C MET D 36 -2.22 -26.97 5.13
N GLY D 37 -1.19 -26.75 4.30
CA GLY D 37 -1.33 -27.01 2.89
C GLY D 37 0.00 -27.36 2.23
N TRP D 38 -0.11 -27.81 0.98
CA TRP D 38 1.04 -28.14 0.15
C TRP D 38 0.97 -27.36 -1.15
N VAL D 39 2.12 -26.83 -1.57
CA VAL D 39 2.29 -26.18 -2.87
C VAL D 39 3.51 -26.80 -3.53
N ARG D 40 3.43 -27.01 -4.84
CA ARG D 40 4.53 -27.60 -5.58
C ARG D 40 4.93 -26.69 -6.74
N GLN D 41 6.14 -26.92 -7.26
CA GLN D 41 6.69 -26.09 -8.32
C GLN D 41 7.51 -26.98 -9.25
N ALA D 42 6.99 -27.26 -10.43
CA ALA D 42 7.76 -27.99 -11.43
C ALA D 42 8.95 -27.15 -11.87
N PRO D 43 10.07 -27.78 -12.24
CA PRO D 43 11.26 -27.02 -12.63
C PRO D 43 10.99 -26.11 -13.81
N GLY D 44 11.23 -24.81 -13.62
CA GLY D 44 10.99 -23.83 -14.65
C GLY D 44 9.54 -23.41 -14.82
N LYS D 45 8.67 -23.73 -13.87
CA LYS D 45 7.26 -23.37 -13.95
C LYS D 45 6.85 -22.66 -12.67
N GLY D 46 5.60 -22.19 -12.64
CA GLY D 46 5.11 -21.41 -11.52
C GLY D 46 4.62 -22.28 -10.38
N LEU D 47 4.11 -21.60 -9.36
CA LEU D 47 3.57 -22.29 -8.18
C LEU D 47 2.23 -22.92 -8.52
N GLU D 48 2.02 -24.15 -8.04
CA GLU D 48 0.75 -24.84 -8.19
C GLU D 48 0.28 -25.28 -6.81
N TRP D 49 -0.86 -24.77 -6.38
CA TRP D 49 -1.45 -25.17 -5.11
C TRP D 49 -1.92 -26.62 -5.21
N VAL D 50 -1.60 -27.42 -4.21
CA VAL D 50 -1.87 -28.84 -4.27
C VAL D 50 -3.05 -29.22 -3.37
N SER D 51 -2.92 -28.94 -2.07
CA SER D 51 -3.90 -29.46 -1.12
C SER D 51 -3.93 -28.61 0.14
N GLY D 52 -5.01 -28.77 0.89
CA GLY D 52 -5.16 -28.13 2.19
C GLY D 52 -6.01 -28.98 3.10
N ILE D 53 -5.77 -28.85 4.41
CA ILE D 53 -6.41 -29.71 5.40
C ILE D 53 -6.73 -28.90 6.65
N SER D 54 -7.87 -29.20 7.27
CA SER D 54 -8.35 -28.50 8.46
C SER D 54 -7.69 -29.05 9.72
N PRO D 55 -7.72 -28.28 10.82
CA PRO D 55 -7.15 -28.76 12.08
C PRO D 55 -7.66 -30.12 12.54
N SER D 56 -8.92 -30.44 12.27
CA SER D 56 -9.48 -31.73 12.68
C SER D 56 -9.40 -32.80 11.60
N SER D 57 -8.82 -32.47 10.44
CA SER D 57 -8.72 -33.38 9.30
C SER D 57 -10.08 -33.66 8.68
N GLY D 58 -11.13 -33.03 9.22
CA GLY D 58 -12.47 -33.24 8.71
C GLY D 58 -12.71 -32.63 7.34
N TYR D 59 -11.93 -31.62 6.98
CA TYR D 59 -12.02 -30.99 5.67
C TYR D 59 -10.67 -31.10 4.97
N THR D 60 -10.69 -31.64 3.75
CA THR D 60 -9.52 -31.73 2.91
C THR D 60 -9.86 -31.22 1.53
N TYR D 61 -8.92 -30.53 0.90
CA TYR D 61 -9.13 -29.93 -0.41
C TYR D 61 -7.98 -30.32 -1.32
N TYR D 62 -8.29 -30.54 -2.59
CA TYR D 62 -7.30 -31.01 -3.55
C TYR D 62 -7.48 -30.29 -4.88
N ALA D 63 -6.36 -29.89 -5.47
CA ALA D 63 -6.39 -29.34 -6.83
C ALA D 63 -6.90 -30.39 -7.79
N ASP D 64 -7.66 -29.96 -8.79
CA ASP D 64 -8.25 -30.90 -9.74
C ASP D 64 -7.19 -31.54 -10.63
N SER D 65 -6.06 -30.85 -10.85
CA SER D 65 -5.02 -31.40 -11.71
C SER D 65 -4.41 -32.67 -11.12
N VAL D 66 -4.53 -32.87 -9.81
CA VAL D 66 -4.02 -34.10 -9.19
C VAL D 66 -4.91 -35.28 -9.55
N LYS D 67 -6.20 -35.04 -9.81
CA LYS D 67 -7.15 -36.07 -10.20
C LYS D 67 -7.32 -37.13 -9.11
N GLY D 68 -7.39 -36.68 -7.85
CA GLY D 68 -7.66 -37.55 -6.74
C GLY D 68 -6.54 -38.49 -6.33
N ARG D 69 -5.36 -38.36 -6.93
CA ARG D 69 -4.27 -39.29 -6.66
C ARG D 69 -3.54 -39.00 -5.36
N PHE D 70 -3.75 -37.84 -4.74
CA PHE D 70 -3.05 -37.47 -3.52
C PHE D 70 -3.99 -37.52 -2.33
N THR D 71 -3.40 -37.68 -1.15
CA THR D 71 -4.14 -37.68 0.10
C THR D 71 -3.34 -36.90 1.14
N ILE D 72 -3.93 -35.83 1.68
CA ILE D 72 -3.31 -35.02 2.71
C ILE D 72 -3.79 -35.48 4.07
N SER D 73 -2.89 -35.48 5.04
CA SER D 73 -3.22 -35.90 6.40
C SER D 73 -2.29 -35.21 7.37
N ARG D 74 -2.62 -35.30 8.66
CA ARG D 74 -1.85 -34.62 9.69
C ARG D 74 -1.91 -35.44 10.97
N ASP D 75 -0.88 -35.24 11.80
CA ASP D 75 -0.79 -35.86 13.12
C ASP D 75 -0.57 -34.73 14.11
N ASN D 76 -1.65 -34.28 14.77
CA ASN D 76 -1.56 -33.11 15.64
C ASN D 76 -0.71 -33.37 16.87
N SER D 77 -0.71 -34.60 17.38
CA SER D 77 0.11 -34.93 18.55
C SER D 77 1.60 -34.84 18.24
N LYS D 78 1.98 -35.00 16.97
CA LYS D 78 3.39 -35.01 16.58
C LYS D 78 3.77 -33.83 15.70
N ASN D 79 2.88 -32.85 15.56
CA ASN D 79 3.17 -31.60 14.84
C ASN D 79 3.68 -31.87 13.42
N THR D 80 3.04 -32.82 12.73
CA THR D 80 3.53 -33.27 11.44
C THR D 80 2.42 -33.27 10.41
N LEU D 81 2.73 -32.77 9.22
CA LEU D 81 1.87 -32.79 8.06
C LEU D 81 2.38 -33.81 7.05
N TYR D 82 1.46 -34.46 6.34
CA TYR D 82 1.82 -35.49 5.39
C TYR D 82 1.13 -35.25 4.05
N LEU D 83 1.75 -35.76 2.99
CA LEU D 83 1.14 -35.78 1.66
C LEU D 83 1.45 -37.13 1.03
N GLN D 84 0.43 -37.96 0.85
CA GLN D 84 0.57 -39.26 0.21
C GLN D 84 0.33 -39.09 -1.29
N MET D 85 1.30 -39.50 -2.10
CA MET D 85 1.25 -39.34 -3.54
C MET D 85 1.25 -40.73 -4.19
N ASN D 86 0.21 -41.01 -4.97
CA ASN D 86 0.05 -42.31 -5.61
C ASN D 86 0.06 -42.15 -7.13
N SER D 87 0.51 -43.21 -7.80
CA SER D 87 0.55 -43.29 -9.26
C SER D 87 1.28 -42.07 -9.85
N LEU D 88 2.50 -41.88 -9.38
CA LEU D 88 3.28 -40.71 -9.76
C LEU D 88 3.56 -40.68 -11.25
N ARG D 89 3.41 -39.50 -11.84
CA ARG D 89 3.63 -39.28 -13.26
C ARG D 89 4.75 -38.27 -13.47
N ALA D 90 5.11 -38.07 -14.73
CA ALA D 90 6.19 -37.14 -15.05
C ALA D 90 5.86 -35.72 -14.62
N GLU D 91 4.59 -35.33 -14.75
CA GLU D 91 4.18 -33.98 -14.36
C GLU D 91 4.13 -33.78 -12.85
N ASP D 92 4.35 -34.82 -12.05
CA ASP D 92 4.46 -34.68 -10.61
C ASP D 92 5.86 -34.31 -10.15
N THR D 93 6.83 -34.31 -11.05
CA THR D 93 8.19 -33.87 -10.71
C THR D 93 8.16 -32.38 -10.36
N ALA D 94 8.54 -32.07 -9.12
CA ALA D 94 8.44 -30.70 -8.63
C ALA D 94 9.12 -30.61 -7.27
N VAL D 95 9.37 -29.39 -6.84
CA VAL D 95 9.72 -29.10 -5.45
C VAL D 95 8.42 -28.89 -4.70
N TYR D 96 8.24 -29.62 -3.59
CA TYR D 96 7.00 -29.62 -2.84
C TYR D 96 7.18 -28.82 -1.56
N TYR D 97 6.37 -27.78 -1.39
CA TYR D 97 6.49 -26.85 -0.28
C TYR D 97 5.40 -27.11 0.75
N CYS D 98 5.79 -27.13 2.02
CA CYS D 98 4.87 -27.12 3.15
C CYS D 98 4.56 -25.68 3.53
N ALA D 99 3.30 -25.41 3.86
CA ALA D 99 2.91 -24.03 4.16
C ALA D 99 1.80 -24.01 5.20
N ARG D 100 1.91 -23.06 6.13
CA ARG D 100 0.89 -22.85 7.14
C ARG D 100 -0.06 -21.74 6.72
N TYR D 101 -1.35 -21.96 6.94
CA TYR D 101 -2.35 -20.90 6.80
C TYR D 101 -2.46 -20.12 8.09
N TYR D 102 -2.60 -18.80 7.98
CA TYR D 102 -3.09 -18.03 9.11
C TYR D 102 -4.49 -18.53 9.48
N TYR D 103 -4.86 -18.35 10.75
CA TYR D 103 -6.11 -18.84 11.30
C TYR D 103 -7.25 -18.83 10.29
N GLY D 104 -7.85 -19.99 10.05
CA GLY D 104 -8.87 -20.12 9.03
C GLY D 104 -8.32 -20.70 7.74
N TYR D 105 -9.18 -20.67 6.72
CA TYR D 105 -8.84 -21.27 5.43
C TYR D 105 -9.40 -20.42 4.30
N TYR D 106 -10.72 -20.45 4.12
CA TYR D 106 -11.38 -19.48 3.28
C TYR D 106 -11.00 -18.07 3.73
N TYR D 107 -10.72 -17.20 2.76
CA TYR D 107 -10.37 -15.80 2.98
C TYR D 107 -9.04 -15.63 3.69
N SER D 108 -8.24 -16.69 3.83
CA SER D 108 -7.00 -16.65 4.57
C SER D 108 -5.80 -16.64 3.61
N HIS D 109 -4.62 -16.92 4.14
CA HIS D 109 -3.38 -16.79 3.39
C HIS D 109 -2.33 -17.72 4.01
N MET D 110 -1.36 -18.10 3.19
CA MET D 110 -0.24 -18.95 3.61
C MET D 110 0.87 -18.04 4.10
N ASP D 111 0.99 -17.89 5.43
CA ASP D 111 1.91 -16.90 5.99
C ASP D 111 3.30 -17.45 6.28
N TYR D 112 3.46 -18.77 6.44
CA TYR D 112 4.76 -19.35 6.67
C TYR D 112 4.95 -20.55 5.76
N TRP D 113 6.15 -20.65 5.17
CA TRP D 113 6.48 -21.71 4.23
C TRP D 113 7.68 -22.51 4.73
N GLY D 114 7.66 -23.82 4.45
CA GLY D 114 8.86 -24.62 4.50
C GLY D 114 9.80 -24.25 3.37
N GLN D 115 10.87 -25.03 3.24
CA GLN D 115 11.91 -24.83 2.24
C GLN D 115 11.79 -25.78 1.05
N GLY D 116 10.91 -26.77 1.10
CA GLY D 116 10.60 -27.65 -0.01
C GLY D 116 11.46 -28.91 0.01
N THR D 117 10.99 -29.91 -0.74
CA THR D 117 11.72 -31.15 -0.94
C THR D 117 11.49 -31.59 -2.39
N LEU D 118 12.56 -32.03 -3.04
CA LEU D 118 12.51 -32.32 -4.48
C LEU D 118 12.00 -33.73 -4.71
N VAL D 119 11.03 -33.85 -5.62
CA VAL D 119 10.49 -35.14 -6.04
C VAL D 119 10.73 -35.28 -7.53
N THR D 120 11.48 -36.30 -7.92
CA THR D 120 11.83 -36.54 -9.32
C THR D 120 11.24 -37.88 -9.75
N VAL D 121 10.38 -37.85 -10.77
CA VAL D 121 9.81 -39.05 -11.36
C VAL D 121 10.63 -39.38 -12.61
N SER D 122 11.31 -40.53 -12.58
CA SER D 122 12.32 -40.84 -13.57
C SER D 122 11.75 -41.41 -14.86
N SER D 123 12.58 -42.11 -15.62
CA SER D 123 12.19 -42.69 -16.90
C SER D 123 11.13 -43.77 -16.72
N SER D 138 -15.91 -22.54 -7.78
CA SER D 138 -14.86 -23.33 -7.16
C SER D 138 -13.58 -23.27 -7.99
N ASP D 139 -13.72 -23.50 -9.29
CA ASP D 139 -12.59 -23.46 -10.22
C ASP D 139 -12.51 -22.06 -10.83
N ILE D 140 -11.80 -21.17 -10.14
CA ILE D 140 -11.59 -19.80 -10.59
C ILE D 140 -10.22 -19.74 -11.26
N GLN D 141 -10.17 -19.15 -12.45
CA GLN D 141 -8.93 -19.03 -13.20
C GLN D 141 -8.23 -17.73 -12.82
N MET D 142 -6.93 -17.80 -12.54
CA MET D 142 -6.12 -16.65 -12.17
C MET D 142 -5.09 -16.41 -13.26
N THR D 143 -5.14 -15.25 -13.89
CA THR D 143 -4.21 -14.87 -14.94
C THR D 143 -3.51 -13.58 -14.56
N GLN D 144 -2.17 -13.58 -14.62
CA GLN D 144 -1.37 -12.41 -14.30
C GLN D 144 -0.85 -11.76 -15.59
N SER D 145 -0.69 -10.44 -15.54
CA SER D 145 -0.19 -9.68 -16.66
C SER D 145 0.75 -8.60 -16.13
N PRO D 146 1.96 -8.47 -16.70
CA PRO D 146 2.47 -9.34 -17.77
C PRO D 146 3.12 -10.61 -17.22
N SER D 147 3.59 -11.48 -18.11
CA SER D 147 4.32 -12.66 -17.66
C SER D 147 5.77 -12.33 -17.31
N SER D 148 6.36 -11.36 -18.01
CA SER D 148 7.71 -10.91 -17.72
C SER D 148 7.74 -9.39 -17.80
N LEU D 149 8.60 -8.79 -16.98
CA LEU D 149 8.69 -7.33 -16.91
C LEU D 149 10.11 -6.94 -16.57
N SER D 150 10.69 -6.06 -17.39
CA SER D 150 12.02 -5.50 -17.14
C SER D 150 11.87 -4.14 -16.46
N ALA D 151 12.58 -3.97 -15.34
CA ALA D 151 12.53 -2.74 -14.58
C ALA D 151 13.92 -2.44 -14.03
N SER D 152 14.09 -1.23 -13.53
CA SER D 152 15.35 -0.79 -12.97
C SER D 152 15.19 -0.51 -11.48
N VAL D 153 16.31 -0.57 -10.76
CA VAL D 153 16.30 -0.22 -9.35
C VAL D 153 15.77 1.20 -9.19
N GLY D 154 14.83 1.37 -8.26
CA GLY D 154 14.20 2.65 -8.05
C GLY D 154 12.90 2.86 -8.80
N ASP D 155 12.59 2.00 -9.76
CA ASP D 155 11.39 2.17 -10.56
C ASP D 155 10.12 1.91 -9.74
N ARG D 156 9.02 2.50 -10.21
CA ARG D 156 7.69 2.13 -9.76
C ARG D 156 7.20 0.97 -10.62
N VAL D 157 6.74 -0.10 -9.97
CA VAL D 157 6.33 -1.33 -10.66
C VAL D 157 4.93 -1.70 -10.21
N THR D 158 4.06 -2.02 -11.18
CA THR D 158 2.73 -2.53 -10.91
C THR D 158 2.51 -3.83 -11.67
N ILE D 159 2.03 -4.85 -10.97
CA ILE D 159 1.71 -6.15 -11.54
C ILE D 159 0.21 -6.39 -11.35
N THR D 160 -0.46 -6.88 -12.39
CA THR D 160 -1.90 -7.08 -12.34
C THR D 160 -2.25 -8.57 -12.29
N CYS D 161 -3.39 -8.86 -11.67
CA CYS D 161 -3.91 -10.20 -11.53
C CYS D 161 -5.41 -10.13 -11.75
N ARG D 162 -5.94 -10.97 -12.63
CA ARG D 162 -7.36 -10.98 -12.96
C ARG D 162 -7.95 -12.36 -12.67
N ALA D 163 -9.09 -12.38 -12.00
CA ALA D 163 -9.80 -13.60 -11.68
C ALA D 163 -10.96 -13.80 -12.64
N SER D 164 -11.23 -15.06 -12.99
CA SER D 164 -12.29 -15.34 -13.95
C SER D 164 -13.67 -15.00 -13.40
N GLN D 165 -13.84 -15.06 -12.08
CA GLN D 165 -15.07 -14.62 -11.44
C GLN D 165 -14.72 -13.89 -10.16
N SER D 166 -15.73 -13.24 -9.56
CA SER D 166 -15.49 -12.37 -8.42
C SER D 166 -14.95 -13.16 -7.23
N ILE D 167 -13.92 -12.60 -6.59
CA ILE D 167 -13.32 -13.21 -5.40
C ILE D 167 -13.29 -12.19 -4.27
N SER D 168 -14.04 -11.09 -4.44
CA SER D 168 -14.16 -10.03 -3.43
C SER D 168 -12.77 -9.48 -3.14
N SER D 169 -12.31 -9.48 -1.88
CA SER D 169 -11.00 -8.95 -1.53
C SER D 169 -10.00 -10.04 -1.17
N TYR D 170 -10.32 -11.30 -1.48
CA TYR D 170 -9.55 -12.42 -0.96
C TYR D 170 -8.50 -12.87 -1.98
N LEU D 171 -7.50 -12.00 -2.12
CA LEU D 171 -6.36 -12.23 -3.01
C LEU D 171 -5.07 -11.99 -2.24
N ASN D 172 -4.13 -12.90 -2.38
CA ASN D 172 -2.83 -12.80 -1.74
C ASN D 172 -1.74 -12.63 -2.80
N TRP D 173 -0.64 -12.00 -2.41
CA TRP D 173 0.52 -11.84 -3.27
C TRP D 173 1.73 -12.48 -2.60
N TYR D 174 2.50 -13.24 -3.39
CA TYR D 174 3.68 -13.92 -2.88
C TYR D 174 4.89 -13.56 -3.74
N GLN D 175 6.05 -13.53 -3.10
CA GLN D 175 7.32 -13.30 -3.77
C GLN D 175 8.18 -14.56 -3.67
N GLN D 176 8.83 -14.91 -4.77
CA GLN D 176 9.81 -16.00 -4.77
C GLN D 176 11.10 -15.51 -5.40
N LYS D 177 12.12 -15.34 -4.59
CA LYS D 177 13.45 -14.99 -5.09
C LYS D 177 14.10 -16.24 -5.70
N PRO D 178 15.03 -16.05 -6.64
CA PRO D 178 15.65 -17.20 -7.30
C PRO D 178 16.29 -18.15 -6.30
N GLY D 179 15.91 -19.43 -6.39
CA GLY D 179 16.45 -20.45 -5.51
C GLY D 179 15.96 -20.37 -4.09
N LYS D 180 14.81 -19.75 -3.84
CA LYS D 180 14.28 -19.58 -2.50
C LYS D 180 12.84 -20.06 -2.45
N ALA D 181 12.37 -20.34 -1.23
CA ALA D 181 10.97 -20.66 -1.03
C ALA D 181 10.12 -19.40 -1.19
N PRO D 182 8.85 -19.55 -1.58
CA PRO D 182 7.98 -18.38 -1.68
C PRO D 182 7.78 -17.70 -0.34
N LYS D 183 7.33 -16.45 -0.40
CA LYS D 183 7.17 -15.61 0.79
C LYS D 183 5.94 -14.72 0.59
N LEU D 184 5.15 -14.59 1.65
CA LEU D 184 3.93 -13.79 1.59
C LEU D 184 4.26 -12.30 1.70
N LEU D 185 3.65 -11.50 0.83
CA LEU D 185 3.77 -10.04 0.89
C LEU D 185 2.47 -9.38 1.32
N ILE D 186 1.38 -9.66 0.61
CA ILE D 186 0.09 -9.01 0.82
C ILE D 186 -0.97 -10.08 0.97
N TYR D 187 -1.87 -9.90 1.95
CA TYR D 187 -3.04 -10.75 2.08
C TYR D 187 -4.29 -9.87 2.10
N ALA D 188 -5.42 -10.48 1.74
CA ALA D 188 -6.70 -9.80 1.69
C ALA D 188 -6.61 -8.54 0.82
N ALA D 189 -5.94 -8.68 -0.32
CA ALA D 189 -5.81 -7.65 -1.36
C ALA D 189 -4.94 -6.47 -0.95
N SER D 190 -5.04 -6.00 0.29
CA SER D 190 -4.38 -4.76 0.65
C SER D 190 -3.61 -4.75 1.97
N SER D 191 -3.64 -5.83 2.75
CA SER D 191 -2.98 -5.84 4.05
C SER D 191 -1.52 -6.27 3.88
N LEU D 192 -0.61 -5.44 4.36
CA LEU D 192 0.82 -5.73 4.32
C LEU D 192 1.17 -6.73 5.42
N GLN D 193 1.73 -7.87 5.04
CA GLN D 193 2.10 -8.87 6.03
C GLN D 193 3.22 -8.34 6.92
N SER D 194 3.22 -8.79 8.17
CA SER D 194 4.21 -8.32 9.14
C SER D 194 5.61 -8.68 8.68
N GLY D 195 6.54 -7.73 8.86
CA GLY D 195 7.91 -7.91 8.45
C GLY D 195 8.22 -7.59 7.01
N VAL D 196 7.20 -7.34 6.19
CA VAL D 196 7.39 -7.06 4.76
C VAL D 196 7.63 -5.57 4.58
N PRO D 197 8.61 -5.16 3.77
CA PRO D 197 8.88 -3.73 3.59
C PRO D 197 7.67 -2.99 3.07
N SER D 198 7.49 -1.75 3.55
CA SER D 198 6.31 -0.97 3.24
C SER D 198 6.27 -0.46 1.80
N ARG D 199 7.32 -0.68 1.01
CA ARG D 199 7.26 -0.30 -0.39
C ARG D 199 6.31 -1.19 -1.18
N PHE D 200 5.93 -2.35 -0.64
CA PHE D 200 4.96 -3.22 -1.25
C PHE D 200 3.55 -2.83 -0.81
N SER D 201 2.63 -2.81 -1.76
CA SER D 201 1.22 -2.57 -1.44
C SER D 201 0.36 -3.25 -2.50
N GLY D 202 -0.90 -3.48 -2.16
CA GLY D 202 -1.82 -4.10 -3.08
C GLY D 202 -3.17 -3.42 -3.04
N SER D 203 -3.94 -3.64 -4.09
CA SER D 203 -5.27 -3.04 -4.20
C SER D 203 -6.13 -3.89 -5.11
N GLY D 204 -7.43 -3.58 -5.11
CA GLY D 204 -8.37 -4.26 -5.96
C GLY D 204 -9.51 -4.91 -5.21
N SER D 205 -10.60 -5.19 -5.92
CA SER D 205 -11.73 -5.90 -5.35
C SER D 205 -12.57 -6.44 -6.49
N GLY D 206 -13.08 -7.66 -6.32
CA GLY D 206 -13.86 -8.29 -7.37
C GLY D 206 -13.02 -9.18 -8.25
N THR D 207 -12.64 -8.69 -9.43
CA THR D 207 -11.88 -9.47 -10.39
C THR D 207 -10.51 -8.88 -10.74
N ASP D 208 -10.30 -7.58 -10.57
CA ASP D 208 -9.07 -6.93 -10.99
C ASP D 208 -8.27 -6.51 -9.76
N PHE D 209 -6.97 -6.83 -9.77
CA PHE D 209 -6.10 -6.58 -8.65
C PHE D 209 -4.73 -6.16 -9.15
N THR D 210 -4.03 -5.36 -8.33
CA THR D 210 -2.70 -4.89 -8.65
C THR D 210 -1.78 -5.03 -7.44
N LEU D 211 -0.56 -5.49 -7.70
CA LEU D 211 0.54 -5.39 -6.74
C LEU D 211 1.44 -4.23 -7.16
N THR D 212 1.88 -3.45 -6.18
CA THR D 212 2.68 -2.27 -6.47
C THR D 212 3.93 -2.27 -5.60
N ILE D 213 5.08 -2.08 -6.23
CA ILE D 213 6.34 -1.78 -5.55
C ILE D 213 6.63 -0.32 -5.81
N SER D 214 6.52 0.51 -4.78
CA SER D 214 6.60 1.95 -4.97
C SER D 214 7.99 2.39 -5.45
N SER D 215 9.05 1.73 -4.98
CA SER D 215 10.40 2.03 -5.43
C SER D 215 11.20 0.73 -5.39
N LEU D 216 11.62 0.26 -6.56
CA LEU D 216 12.22 -1.07 -6.66
C LEU D 216 13.59 -1.10 -6.00
N GLN D 217 13.83 -2.12 -5.19
CA GLN D 217 15.10 -2.37 -4.52
C GLN D 217 15.82 -3.54 -5.16
N PRO D 218 17.15 -3.62 -5.01
CA PRO D 218 17.90 -4.71 -5.67
C PRO D 218 17.39 -6.10 -5.38
N GLU D 219 16.97 -6.37 -4.14
CA GLU D 219 16.48 -7.71 -3.78
C GLU D 219 15.08 -7.98 -4.29
N ASP D 220 14.41 -7.00 -4.92
CA ASP D 220 13.04 -7.19 -5.38
C ASP D 220 12.95 -7.86 -6.74
N PHE D 221 14.08 -8.10 -7.41
CA PHE D 221 14.06 -8.85 -8.65
C PHE D 221 13.76 -10.31 -8.33
N ALA D 222 12.56 -10.75 -8.69
CA ALA D 222 12.06 -12.06 -8.31
C ALA D 222 10.81 -12.34 -9.16
N THR D 223 10.10 -13.42 -8.82
CA THR D 223 8.84 -13.76 -9.46
C THR D 223 7.72 -13.57 -8.45
N TYR D 224 6.59 -13.04 -8.92
CA TYR D 224 5.48 -12.67 -8.05
C TYR D 224 4.23 -13.42 -8.48
N TYR D 225 3.52 -13.99 -7.50
CA TYR D 225 2.35 -14.81 -7.74
C TYR D 225 1.17 -14.26 -6.94
N CYS D 226 0.01 -14.21 -7.57
CA CYS D 226 -1.22 -13.95 -6.84
C CYS D 226 -1.91 -15.27 -6.51
N GLN D 227 -2.83 -15.21 -5.55
CA GLN D 227 -3.55 -16.39 -5.11
C GLN D 227 -4.90 -15.98 -4.54
N GLN D 228 -5.97 -16.58 -5.04
CA GLN D 228 -7.29 -16.34 -4.49
C GLN D 228 -7.59 -17.33 -3.39
N SER D 229 -8.33 -16.87 -2.38
CA SER D 229 -8.76 -17.73 -1.28
C SER D 229 -10.26 -17.62 -1.04
N ARG D 230 -11.03 -17.21 -2.05
CA ARG D 230 -12.47 -17.12 -1.90
C ARG D 230 -13.12 -18.50 -1.93
N SER D 231 -12.65 -19.39 -2.80
CA SER D 231 -13.15 -20.75 -2.86
C SER D 231 -12.24 -21.66 -2.03
N GLY D 232 -12.53 -22.96 -2.07
CA GLY D 232 -11.74 -23.93 -1.34
C GLY D 232 -10.47 -24.39 -2.04
N LEU D 233 -10.32 -24.09 -3.33
CA LEU D 233 -9.14 -24.45 -4.11
C LEU D 233 -8.36 -23.17 -4.39
N HIS D 234 -7.23 -23.00 -3.72
CA HIS D 234 -6.53 -21.71 -3.66
C HIS D 234 -5.50 -21.62 -4.79
N THR D 235 -6.01 -21.47 -6.00
CA THR D 235 -5.17 -21.48 -7.19
C THR D 235 -4.29 -20.24 -7.26
N PHE D 236 -3.07 -20.43 -7.76
CA PHE D 236 -2.14 -19.33 -8.01
C PHE D 236 -2.27 -18.83 -9.45
N GLY D 237 -1.90 -17.57 -9.65
CA GLY D 237 -1.68 -17.07 -10.99
C GLY D 237 -0.42 -17.67 -11.59
N GLN D 238 -0.25 -17.48 -12.89
CA GLN D 238 0.89 -18.10 -13.56
C GLN D 238 2.22 -17.45 -13.20
N GLY D 239 2.20 -16.26 -12.60
CA GLY D 239 3.43 -15.64 -12.15
C GLY D 239 3.89 -14.54 -13.06
N THR D 240 4.62 -13.58 -12.48
CA THR D 240 5.21 -12.47 -13.22
C THR D 240 6.67 -12.36 -12.81
N LYS D 241 7.58 -12.55 -13.76
CA LYS D 241 9.01 -12.46 -13.49
C LYS D 241 9.47 -11.03 -13.65
N LEU D 242 10.15 -10.51 -12.62
CA LEU D 242 10.65 -9.14 -12.60
C LEU D 242 12.16 -9.20 -12.78
N GLU D 243 12.63 -8.86 -13.97
CA GLU D 243 14.03 -8.96 -14.32
C GLU D 243 14.65 -7.57 -14.51
N ILE D 244 15.97 -7.54 -14.52
CA ILE D 244 16.72 -6.30 -14.60
C ILE D 244 16.70 -5.77 -16.03
N LYS D 245 16.33 -4.51 -16.18
CA LYS D 245 16.31 -3.86 -17.48
C LYS D 245 17.71 -3.74 -18.05
#